data_3ZMR
#
_entry.id   3ZMR
#
_cell.length_a   46.830
_cell.length_b   147.240
_cell.length_c   84.140
_cell.angle_alpha   90.00
_cell.angle_beta   92.84
_cell.angle_gamma   90.00
#
_symmetry.space_group_name_H-M   'P 1 21 1'
#
loop_
_entity.id
_entity.type
_entity.pdbx_description
1 polymer 'CELLULASE (GLYCOSYL HYDROLASE FAMILY 5)'
2 branched alpha-D-xylopyranose-(1-6)-beta-D-glucopyranose-(1-4)-[alpha-D-xylopyranose-(1-6)]beta-D-glucopyranose-(1-4)-[alpha-D-xylopyranose-(1-6)]beta-D-glucopyranose-(1-4)-beta-D-glucopyranose
3 branched alpha-D-xylopyranose-(1-6)-beta-D-glucopyranose-(1-4)-[alpha-D-xylopyranose-(1-6)]beta-D-glucopyranose-(1-4)-[alpha-D-xylopyranose-(1-6)]beta-D-glucopyranose-(1-4)-D-glucose
4 non-polymer 2-[BIS-(2-HYDROXY-ETHYL)-AMINO]-2-HYDROXYMETHYL-PROPANE-1,3-DIOL
5 non-polymer 1,2-ETHANEDIOL
6 non-polymer alpha-D-glucopyranose
7 water water
#
_entity_poly.entity_id   1
_entity_poly.type   'polypeptide(L)'
_entity_poly.pdbx_seq_one_letter_code
;MDEKGGSLEVAQEYRNLEFDARGSRQTIQIDGPAEWHISTSESWCKSSHTIGEGKQYVNITVEANDTQKERTATVTVSAS
GAPDIIINVKQSLYSVPAYDEYIAPDNTGMRDLTSMQLSALMKAGVNVGNTFEAVIVGNDGSLSGDETCWGNPTPNKVLF
EGIKAAGFDVVRIPVAYSHQFEDAATYKIKSAWMDKVEAAVKAALDAGLYVIINIHWEGGWLNHPVDANKEALDERLEAM
WKQIALRFRDYDDRLLFAGTNEVNNDDANGAQPTEENYRVQNGFNQVFVNTVRATGGRNHYRHLIVQAYNTDVAKAVAHF
TMPLDIVQNRIFLECHYYDPYDFTIMPNDENFKSQWGAAFAGGDVSATGQEGDIEATLSSLNVFINNNVPVIIGEYGPTL
RDQLTGEALENHLKSRNDYIEYVVKTCVKNKLVPLYWDAGYTEKLFDRTTGQPHNAASIAAIMKGLNLEHHHHHH
;
_entity_poly.pdbx_strand_id   A,B
#
# COMPACT_ATOMS: atom_id res chain seq x y z
N SER A 7 16.65 46.34 15.49
CA SER A 7 15.27 45.91 15.10
C SER A 7 15.32 44.80 14.06
N LEU A 8 14.73 43.65 14.41
CA LEU A 8 14.75 42.46 13.57
C LEU A 8 13.32 42.00 13.29
N GLU A 9 12.95 42.02 12.01
CA GLU A 9 11.58 41.74 11.61
C GLU A 9 11.51 40.69 10.48
N VAL A 10 10.55 39.78 10.63
CA VAL A 10 10.22 38.82 9.60
C VAL A 10 8.71 38.71 9.49
N ALA A 11 8.19 38.96 8.29
CA ALA A 11 6.74 38.95 8.04
C ALA A 11 6.10 37.62 8.46
N GLN A 12 4.87 37.71 8.96
CA GLN A 12 4.13 36.54 9.48
C GLN A 12 4.01 35.42 8.44
N GLU A 13 3.86 35.80 7.18
CA GLU A 13 3.78 34.84 6.07
C GLU A 13 4.99 33.90 5.99
N TYR A 14 6.12 34.32 6.56
CA TYR A 14 7.36 33.51 6.53
C TYR A 14 7.65 32.70 7.80
N ARG A 15 6.72 32.72 8.77
CA ARG A 15 7.00 32.15 10.10
C ARG A 15 6.72 30.63 10.17
N ASN A 16 5.93 30.17 9.20
CA ASN A 16 5.53 28.76 9.14
C ASN A 16 5.55 28.28 7.70
N LEU A 17 6.70 27.73 7.33
CA LEU A 17 6.92 27.28 5.95
C LEU A 17 6.55 25.81 5.78
N GLU A 18 6.04 25.50 4.59
CA GLU A 18 5.58 24.15 4.21
C GLU A 18 6.23 23.77 2.88
N PHE A 19 6.84 22.56 2.86
CA PHE A 19 7.47 22.01 1.67
C PHE A 19 6.88 20.63 1.39
N ASP A 20 6.76 20.27 0.12
CA ASP A 20 6.45 18.87 -0.22
C ASP A 20 7.77 18.04 -0.17
N ALA A 21 7.65 16.76 -0.49
CA ALA A 21 8.75 15.82 -0.34
C ALA A 21 9.90 16.01 -1.34
N ARG A 22 9.64 16.72 -2.43
CA ARG A 22 10.68 17.00 -3.42
C ARG A 22 11.74 17.92 -2.81
N GLY A 23 12.94 17.88 -3.35
CA GLY A 23 13.92 18.94 -3.06
C GLY A 23 13.36 20.23 -3.67
N SER A 24 13.36 21.32 -2.92
CA SER A 24 12.86 22.60 -3.41
C SER A 24 13.30 23.75 -2.52
N ARG A 25 13.02 24.97 -2.97
CA ARG A 25 13.45 26.17 -2.28
C ARG A 25 12.33 27.20 -2.25
N GLN A 26 12.38 28.06 -1.23
CA GLN A 26 11.49 29.20 -1.07
C GLN A 26 12.32 30.40 -0.64
N THR A 27 12.10 31.51 -1.35
CA THR A 27 12.73 32.77 -1.00
C THR A 27 11.87 33.48 0.06
N ILE A 28 12.50 33.85 1.16
CA ILE A 28 11.88 34.66 2.20
C ILE A 28 12.63 35.99 2.31
N GLN A 29 12.08 36.91 3.10
CA GLN A 29 12.73 38.19 3.33
C GLN A 29 12.97 38.40 4.82
N ILE A 30 14.19 38.79 5.14
CA ILE A 30 14.61 39.17 6.49
C ILE A 30 14.79 40.72 6.50
N ASP A 31 14.08 41.40 7.39
CA ASP A 31 14.20 42.86 7.53
C ASP A 31 14.95 43.15 8.82
N GLY A 32 16.27 43.14 8.74
CA GLY A 32 17.11 43.21 9.93
C GLY A 32 18.08 44.38 10.05
N PRO A 33 18.84 44.42 11.15
CA PRO A 33 19.79 45.51 11.41
C PRO A 33 21.10 45.33 10.66
N ALA A 34 22.11 46.08 11.09
CA ALA A 34 23.43 46.08 10.44
C ALA A 34 24.06 44.70 10.35
N GLU A 35 23.74 43.87 11.35
CA GLU A 35 24.23 42.50 11.40
C GLU A 35 23.17 41.55 12.00
N TRP A 36 22.92 40.46 11.31
CA TRP A 36 22.10 39.38 11.85
C TRP A 36 22.64 38.04 11.37
N HIS A 37 22.10 36.99 11.96
CA HIS A 37 22.60 35.63 11.76
C HIS A 37 21.43 34.65 11.60
N ILE A 38 21.69 33.61 10.82
CA ILE A 38 20.75 32.49 10.63
C ILE A 38 21.42 31.12 10.80
N SER A 39 20.74 30.24 11.54
CA SER A 39 21.08 28.83 11.64
C SER A 39 19.77 28.05 11.44
N THR A 40 19.93 26.75 11.20
CA THR A 40 18.80 25.81 11.15
C THR A 40 19.07 24.60 12.07
N SER A 41 17.99 23.92 12.43
CA SER A 41 18.04 22.83 13.42
C SER A 41 18.30 21.45 12.81
N GLU A 42 18.28 21.35 11.48
CA GLU A 42 18.41 20.06 10.77
C GLU A 42 19.22 20.23 9.49
N SER A 43 20.05 19.24 9.20
CA SER A 43 20.98 19.29 8.06
C SER A 43 20.28 19.28 6.72
N TRP A 44 19.04 18.78 6.69
CA TRP A 44 18.27 18.73 5.41
C TRP A 44 17.56 20.05 5.06
N CYS A 45 17.61 20.99 5.99
CA CYS A 45 17.05 22.31 5.83
C CYS A 45 18.21 23.32 5.87
N LYS A 46 18.40 24.01 4.75
CA LYS A 46 19.52 24.95 4.61
C LYS A 46 19.04 26.38 4.34
N SER A 47 19.75 27.32 4.93
CA SER A 47 19.64 28.75 4.62
C SER A 47 20.75 29.14 3.65
N SER A 48 20.41 29.97 2.67
CA SER A 48 21.44 30.51 1.74
C SER A 48 22.46 31.41 2.45
N HIS A 49 22.05 31.94 3.61
CA HIS A 49 22.85 32.93 4.38
C HIS A 49 23.04 32.46 5.80
N THR A 50 24.26 32.64 6.30
CA THR A 50 24.58 32.42 7.72
C THR A 50 24.66 33.76 8.45
N ILE A 51 25.22 34.76 7.79
CA ILE A 51 25.32 36.11 8.31
C ILE A 51 24.76 37.06 7.24
N GLY A 52 24.10 38.10 7.72
CA GLY A 52 23.40 39.05 6.87
C GLY A 52 23.39 40.46 7.42
N GLU A 53 22.96 41.38 6.54
CA GLU A 53 22.81 42.79 6.83
C GLU A 53 21.54 43.30 6.15
N GLY A 54 20.85 44.17 6.86
CA GLY A 54 19.73 44.89 6.30
C GLY A 54 18.60 43.98 5.85
N LYS A 55 17.99 44.39 4.75
CA LYS A 55 16.76 43.80 4.25
C LYS A 55 17.12 42.92 3.04
N GLN A 56 17.11 41.62 3.27
CA GLN A 56 17.70 40.61 2.38
C GLN A 56 16.74 39.52 1.98
N TYR A 57 16.79 39.14 0.69
CA TYR A 57 16.16 37.90 0.24
C TYR A 57 17.03 36.70 0.55
N VAL A 58 16.48 35.78 1.36
CA VAL A 58 17.18 34.61 1.84
C VAL A 58 16.40 33.37 1.39
N ASN A 59 17.13 32.39 0.88
CA ASN A 59 16.52 31.13 0.46
C ASN A 59 16.55 30.08 1.54
N ILE A 60 15.41 29.44 1.74
CA ILE A 60 15.32 28.25 2.58
C ILE A 60 15.11 27.06 1.62
N THR A 61 16.04 26.11 1.69
CA THR A 61 16.09 24.97 0.77
C THR A 61 16.02 23.66 1.55
N VAL A 62 15.18 22.76 1.08
CA VAL A 62 15.09 21.44 1.67
C VAL A 62 15.58 20.39 0.70
N GLU A 63 16.22 19.38 1.26
CA GLU A 63 16.55 18.17 0.53
C GLU A 63 15.28 17.36 0.30
N ALA A 64 15.32 16.50 -0.69
CA ALA A 64 14.21 15.56 -0.92
C ALA A 64 14.00 14.72 0.33
N ASN A 65 12.73 14.50 0.68
CA ASN A 65 12.38 13.67 1.85
C ASN A 65 12.08 12.23 1.42
N ASP A 66 13.06 11.35 1.56
CA ASP A 66 12.92 9.91 1.28
C ASP A 66 12.67 9.07 2.56
N THR A 67 12.30 9.72 3.66
CA THR A 67 12.13 9.01 4.95
C THR A 67 10.75 8.37 5.19
N GLN A 68 9.80 8.72 4.33
CA GLN A 68 8.39 8.22 4.46
C GLN A 68 7.69 8.64 5.75
N LYS A 69 8.25 9.67 6.41
CA LYS A 69 7.59 10.39 7.51
C LYS A 69 7.66 11.89 7.26
N GLU A 70 6.63 12.60 7.70
CA GLU A 70 6.70 14.04 7.80
C GLU A 70 7.89 14.38 8.66
N ARG A 71 8.54 15.48 8.34
CA ARG A 71 9.65 15.96 9.18
C ARG A 71 9.58 17.45 9.38
N THR A 72 10.16 17.89 10.49
CA THR A 72 10.14 19.28 10.87
C THR A 72 11.52 19.80 11.28
N ALA A 73 11.66 21.11 11.13
CA ALA A 73 12.88 21.81 11.52
C ALA A 73 12.51 23.23 11.93
N THR A 74 13.51 23.91 12.49
CA THR A 74 13.38 25.36 12.70
C THR A 74 14.54 26.09 11.99
N VAL A 75 14.27 27.35 11.70
CA VAL A 75 15.26 28.31 11.21
C VAL A 75 15.24 29.47 12.19
N THR A 76 16.41 29.75 12.77
CA THR A 76 16.54 30.78 13.80
C THR A 76 17.29 31.96 13.27
N VAL A 77 16.60 33.10 13.29
CA VAL A 77 17.20 34.39 12.89
C VAL A 77 17.50 35.18 14.17
N SER A 78 18.73 35.68 14.29
CA SER A 78 19.14 36.36 15.51
C SER A 78 19.95 37.61 15.25
N ALA A 79 19.92 38.52 16.21
CA ALA A 79 20.69 39.76 16.14
C ALA A 79 20.95 40.22 17.57
N SER A 80 22.06 40.91 17.74
CA SER A 80 22.49 41.39 19.04
C SER A 80 21.44 42.30 19.64
N GLY A 81 21.09 42.00 20.90
CA GLY A 81 20.09 42.77 21.65
C GLY A 81 18.65 42.72 21.14
N ALA A 82 18.36 41.77 20.25
CA ALA A 82 17.02 41.60 19.68
C ALA A 82 16.53 40.18 19.99
N PRO A 83 15.21 39.99 20.16
CA PRO A 83 14.74 38.61 20.35
C PRO A 83 14.92 37.77 19.09
N ASP A 84 15.27 36.51 19.26
CA ASP A 84 15.31 35.56 18.13
C ASP A 84 13.95 35.45 17.47
N ILE A 85 13.99 35.28 16.15
CA ILE A 85 12.82 34.93 15.39
C ILE A 85 13.04 33.49 14.92
N ILE A 86 12.06 32.65 15.23
CA ILE A 86 12.21 31.21 14.97
C ILE A 86 11.09 30.74 14.06
N ILE A 87 11.50 30.40 12.85
CA ILE A 87 10.59 29.98 11.78
C ILE A 87 10.42 28.45 11.81
N ASN A 88 9.17 28.00 11.70
CA ASN A 88 8.87 26.57 11.57
C ASN A 88 8.99 26.15 10.11
N VAL A 89 9.57 24.97 9.88
CA VAL A 89 9.62 24.30 8.59
C VAL A 89 9.06 22.89 8.71
N LYS A 90 8.08 22.60 7.87
CA LYS A 90 7.47 21.27 7.82
C LYS A 90 7.59 20.77 6.39
N GLN A 91 8.07 19.54 6.26
CA GLN A 91 8.19 18.88 4.96
C GLN A 91 7.42 17.55 4.97
N SER A 92 6.51 17.38 4.01
CA SER A 92 5.68 16.19 3.93
C SER A 92 6.43 14.98 3.39
N LEU A 93 5.83 13.80 3.62
CA LEU A 93 6.32 12.56 3.07
C LEU A 93 5.94 12.48 1.58
N TYR A 94 6.57 11.56 0.86
CA TYR A 94 6.28 11.39 -0.57
C TYR A 94 4.87 10.81 -0.79
N SER A 95 4.13 11.39 -1.74
CA SER A 95 2.83 10.89 -2.15
C SER A 95 2.76 10.86 -3.68
N VAL A 96 1.92 9.96 -4.17
CA VAL A 96 1.72 9.71 -5.59
C VAL A 96 0.63 10.65 -6.13
N PRO A 97 0.70 10.99 -7.44
CA PRO A 97 -0.42 11.71 -8.08
C PRO A 97 -1.76 11.00 -7.89
N ALA A 98 -2.85 11.77 -7.88
CA ALA A 98 -4.19 11.21 -7.71
C ALA A 98 -4.78 10.88 -9.06
N TYR A 99 -5.00 9.58 -9.33
CA TYR A 99 -5.68 9.13 -10.58
C TYR A 99 -7.05 8.57 -10.29
N ASP A 100 -8.03 8.94 -11.12
CA ASP A 100 -9.39 8.40 -10.95
C ASP A 100 -9.44 6.85 -11.04
N GLU A 101 -8.50 6.29 -11.80
CA GLU A 101 -8.44 4.88 -12.08
C GLU A 101 -7.73 4.07 -10.97
N TYR A 102 -7.18 4.77 -9.97
CA TYR A 102 -6.50 4.13 -8.85
C TYR A 102 -7.34 3.03 -8.20
N ILE A 103 -6.69 1.94 -7.87
CA ILE A 103 -7.29 0.94 -7.02
C ILE A 103 -6.31 0.64 -5.88
N ALA A 104 -6.83 0.10 -4.78
CA ALA A 104 -6.05 -0.09 -3.59
C ALA A 104 -4.86 -1.01 -3.86
N PRO A 105 -3.77 -0.87 -3.09
CA PRO A 105 -2.64 -1.77 -3.26
C PRO A 105 -3.07 -3.23 -3.10
N ASP A 106 -2.42 -4.09 -3.86
CA ASP A 106 -2.73 -5.53 -3.91
C ASP A 106 -1.44 -6.30 -4.01
N ASN A 107 -1.12 -7.10 -3.01
CA ASN A 107 0.10 -7.93 -3.04
C ASN A 107 -0.07 -9.34 -3.59
N THR A 108 -1.20 -9.58 -4.25
CA THR A 108 -1.42 -10.89 -4.88
C THR A 108 -0.35 -11.14 -5.93
N GLY A 109 0.38 -12.23 -5.76
CA GLY A 109 1.48 -12.55 -6.69
C GLY A 109 2.72 -11.69 -6.56
N MET A 110 2.75 -10.86 -5.51
CA MET A 110 3.83 -9.92 -5.27
C MET A 110 4.56 -10.37 -4.00
N ARG A 111 5.60 -11.19 -4.18
CA ARG A 111 6.36 -11.75 -3.06
C ARG A 111 7.01 -10.66 -2.23
N ASP A 112 7.17 -10.95 -0.94
CA ASP A 112 7.84 -10.02 -0.04
C ASP A 112 9.36 -10.17 -0.19
N LEU A 113 9.85 -9.62 -1.30
CA LEU A 113 11.26 -9.65 -1.69
C LEU A 113 11.70 -8.26 -2.11
N THR A 114 12.87 -7.83 -1.64
CA THR A 114 13.46 -6.60 -2.13
C THR A 114 13.85 -6.81 -3.60
N SER A 115 13.99 -5.71 -4.34
CA SER A 115 14.52 -5.81 -5.70
C SER A 115 15.87 -6.53 -5.70
N MET A 116 16.71 -6.27 -4.70
CA MET A 116 17.99 -6.97 -4.62
C MET A 116 17.79 -8.51 -4.56
N GLN A 117 16.86 -8.95 -3.71
CA GLN A 117 16.58 -10.39 -3.58
C GLN A 117 16.02 -10.95 -4.87
N LEU A 118 15.15 -10.17 -5.52
CA LEU A 118 14.58 -10.60 -6.79
C LEU A 118 15.70 -10.75 -7.81
N SER A 119 16.66 -9.83 -7.79
CA SER A 119 17.75 -9.84 -8.77
C SER A 119 18.54 -11.15 -8.69
N ALA A 120 18.66 -11.71 -7.50
CA ALA A 120 19.44 -12.93 -7.32
C ALA A 120 18.73 -14.16 -7.93
N LEU A 121 17.42 -14.05 -8.16
CA LEU A 121 16.60 -15.10 -8.80
C LEU A 121 16.58 -14.96 -10.32
N MET A 122 16.91 -13.77 -10.79
CA MET A 122 16.76 -13.45 -12.21
C MET A 122 17.89 -14.04 -13.03
N LYS A 123 19.11 -13.90 -12.50
CA LYS A 123 20.34 -14.59 -12.96
C LYS A 123 20.93 -14.06 -14.28
N ALA A 124 20.31 -14.43 -15.38
CA ALA A 124 20.75 -13.98 -16.71
C ALA A 124 19.61 -13.99 -17.68
N GLY A 125 19.78 -13.25 -18.75
CA GLY A 125 18.74 -13.20 -19.73
C GLY A 125 19.13 -12.73 -21.10
N VAL A 126 18.09 -12.44 -21.88
CA VAL A 126 18.25 -12.01 -23.28
CA VAL A 126 18.22 -12.04 -23.30
C VAL A 126 17.20 -10.97 -23.63
N ASN A 127 17.51 -10.16 -24.63
CA ASN A 127 16.58 -9.26 -25.24
C ASN A 127 15.92 -9.87 -26.46
N VAL A 128 14.66 -9.55 -26.68
CA VAL A 128 13.97 -9.78 -27.96
C VAL A 128 14.07 -8.46 -28.73
N GLY A 129 15.28 -8.17 -29.20
CA GLY A 129 15.58 -6.91 -29.81
C GLY A 129 15.12 -6.77 -31.26
N ASN A 130 15.05 -5.53 -31.69
CA ASN A 130 14.65 -5.14 -33.07
C ASN A 130 13.32 -5.76 -33.48
N THR A 131 12.39 -5.72 -32.52
CA THR A 131 11.10 -6.38 -32.68
C THR A 131 9.96 -5.43 -32.29
N PHE A 132 9.43 -5.47 -31.06
CA PHE A 132 8.34 -4.56 -30.73
C PHE A 132 8.74 -3.09 -30.74
N GLU A 133 10.04 -2.78 -30.65
CA GLU A 133 10.50 -1.40 -30.72
C GLU A 133 10.85 -0.93 -32.17
N ALA A 134 10.74 -1.86 -33.13
CA ALA A 134 11.06 -1.54 -34.54
C ALA A 134 10.07 -0.48 -35.09
N VAL A 135 10.64 0.60 -35.61
CA VAL A 135 9.88 1.72 -36.18
C VAL A 135 10.56 2.13 -37.50
N ILE A 136 9.72 2.50 -38.47
CA ILE A 136 10.21 3.16 -39.67
C ILE A 136 10.14 4.66 -39.35
N VAL A 137 11.28 5.32 -39.47
CA VAL A 137 11.41 6.73 -39.09
C VAL A 137 11.62 7.59 -40.34
N GLY A 138 10.73 8.53 -40.53
CA GLY A 138 10.81 9.44 -41.67
C GLY A 138 11.68 10.66 -41.37
N ASN A 139 12.06 11.39 -42.40
CA ASN A 139 13.00 12.53 -42.29
C ASN A 139 12.47 13.72 -41.48
N ASP A 140 11.16 13.73 -41.28
CA ASP A 140 10.45 14.72 -40.46
C ASP A 140 10.11 14.15 -39.07
N GLY A 141 10.59 12.94 -38.76
CA GLY A 141 10.35 12.30 -37.44
C GLY A 141 9.09 11.43 -37.37
N SER A 142 8.34 11.38 -38.47
CA SER A 142 7.16 10.58 -38.58
C SER A 142 7.46 9.08 -38.36
N LEU A 143 6.59 8.38 -37.61
CA LEU A 143 6.79 6.97 -37.29
C LEU A 143 5.73 6.04 -37.86
N SER A 144 6.19 4.92 -38.40
CA SER A 144 5.30 3.90 -38.94
C SER A 144 5.87 2.51 -38.73
N GLY A 145 5.20 1.50 -39.28
CA GLY A 145 5.62 0.10 -39.14
C GLY A 145 4.95 -0.64 -38.00
N ASP A 146 5.43 -1.84 -37.76
CA ASP A 146 4.96 -2.71 -36.67
C ASP A 146 6.17 -3.57 -36.24
N GLU A 147 5.93 -4.61 -35.45
CA GLU A 147 7.02 -5.40 -34.85
C GLU A 147 7.85 -6.18 -35.85
N THR A 148 7.37 -6.27 -37.08
CA THR A 148 8.06 -7.00 -38.15
C THR A 148 8.88 -6.10 -39.05
N CYS A 149 8.88 -4.79 -38.81
CA CYS A 149 9.41 -3.87 -39.83
C CYS A 149 10.93 -3.80 -39.91
N TRP A 150 11.60 -4.39 -38.93
CA TRP A 150 13.08 -4.54 -38.98
C TRP A 150 13.50 -5.99 -39.24
N GLY A 151 12.56 -6.82 -39.69
CA GLY A 151 12.89 -8.14 -40.21
C GLY A 151 12.66 -9.33 -39.31
N ASN A 152 12.20 -9.08 -38.09
CA ASN A 152 11.84 -10.18 -37.20
C ASN A 152 10.37 -10.54 -37.26
N PRO A 153 10.05 -11.82 -37.00
CA PRO A 153 8.67 -12.21 -36.86
C PRO A 153 8.10 -11.83 -35.50
N THR A 154 6.78 -11.95 -35.36
CA THR A 154 6.14 -11.73 -34.05
C THR A 154 6.73 -12.73 -33.04
N PRO A 155 7.15 -12.27 -31.85
CA PRO A 155 7.54 -13.21 -30.80
C PRO A 155 6.44 -14.21 -30.54
N ASN A 156 6.84 -15.45 -30.31
CA ASN A 156 5.92 -16.56 -30.14
C ASN A 156 6.26 -17.47 -28.96
N LYS A 157 5.36 -18.39 -28.70
CA LYS A 157 5.51 -19.32 -27.57
C LYS A 157 6.77 -20.17 -27.70
N VAL A 158 7.04 -20.72 -28.88
CA VAL A 158 8.20 -21.59 -29.00
C VAL A 158 9.51 -20.82 -28.80
N LEU A 159 9.56 -19.53 -29.19
CA LEU A 159 10.76 -18.73 -28.92
C LEU A 159 11.00 -18.61 -27.41
N PHE A 160 9.95 -18.22 -26.68
CA PHE A 160 10.11 -18.05 -25.23
C PHE A 160 10.42 -19.34 -24.52
N GLU A 161 9.81 -20.44 -24.98
CA GLU A 161 10.14 -21.76 -24.45
C GLU A 161 11.60 -22.15 -24.71
N GLY A 162 12.10 -21.78 -25.88
CA GLY A 162 13.50 -22.07 -26.22
C GLY A 162 14.46 -21.28 -25.36
N ILE A 163 14.13 -20.01 -25.14
CA ILE A 163 14.92 -19.13 -24.26
C ILE A 163 15.03 -19.74 -22.85
N LYS A 164 13.88 -20.13 -22.30
CA LYS A 164 13.87 -20.75 -20.98
C LYS A 164 14.66 -22.06 -20.94
N ALA A 165 14.46 -22.88 -21.97
CA ALA A 165 15.13 -24.18 -22.04
C ALA A 165 16.64 -24.10 -22.10
N ALA A 166 17.17 -23.03 -22.69
CA ALA A 166 18.61 -22.82 -22.81
C ALA A 166 19.26 -22.38 -21.50
N GLY A 167 18.43 -22.02 -20.51
CA GLY A 167 18.97 -21.62 -19.20
C GLY A 167 18.84 -20.15 -18.84
N PHE A 168 18.09 -19.41 -19.66
CA PHE A 168 17.82 -18.00 -19.36
C PHE A 168 16.57 -17.89 -18.51
N ASP A 169 16.59 -16.96 -17.57
CA ASP A 169 15.42 -16.76 -16.72
C ASP A 169 14.70 -15.42 -16.88
N VAL A 170 15.26 -14.52 -17.68
CA VAL A 170 14.70 -13.17 -17.91
C VAL A 170 14.70 -12.85 -19.39
N VAL A 171 13.66 -12.21 -19.86
CA VAL A 171 13.65 -11.63 -21.21
C VAL A 171 13.30 -10.14 -21.09
N ARG A 172 14.09 -9.29 -21.73
CA ARG A 172 13.75 -7.89 -21.93
C ARG A 172 13.15 -7.74 -23.32
N ILE A 173 11.97 -7.13 -23.35
CA ILE A 173 11.18 -6.88 -24.56
C ILE A 173 11.11 -5.37 -24.76
N PRO A 174 12.02 -4.80 -25.56
CA PRO A 174 11.88 -3.40 -25.93
C PRO A 174 10.55 -3.18 -26.68
N VAL A 175 9.86 -2.09 -26.40
CA VAL A 175 8.58 -1.80 -27.04
C VAL A 175 8.52 -0.34 -27.48
N ALA A 176 7.98 -0.15 -28.68
CA ALA A 176 7.62 1.15 -29.21
C ALA A 176 6.08 1.20 -29.19
N TYR A 177 5.57 2.42 -29.00
CA TYR A 177 4.12 2.70 -29.01
C TYR A 177 3.72 3.88 -29.87
N SER A 178 4.65 4.80 -30.09
CA SER A 178 4.35 6.10 -30.70
C SER A 178 4.09 6.05 -32.21
N HIS A 179 4.29 4.87 -32.79
CA HIS A 179 3.88 4.57 -34.16
C HIS A 179 2.50 3.96 -34.24
N GLN A 180 1.85 3.84 -33.09
CA GLN A 180 0.57 3.11 -32.95
C GLN A 180 -0.46 3.93 -32.16
N PHE A 181 -0.37 5.25 -32.25
CA PHE A 181 -1.37 6.12 -31.61
C PHE A 181 -2.68 6.11 -32.41
N GLU A 182 -3.78 5.98 -31.68
CA GLU A 182 -5.14 6.23 -32.19
C GLU A 182 -5.41 7.75 -32.26
N ASP A 183 -4.90 8.46 -31.25
CA ASP A 183 -4.95 9.92 -31.21
C ASP A 183 -3.59 10.52 -30.84
N ALA A 184 -2.95 11.16 -31.80
CA ALA A 184 -1.57 11.66 -31.61
C ALA A 184 -1.47 12.73 -30.54
N ALA A 185 -2.45 13.64 -30.53
CA ALA A 185 -2.42 14.81 -29.65
C ALA A 185 -2.46 14.42 -28.16
N THR A 186 -3.18 13.34 -27.86
CA THR A 186 -3.35 12.88 -26.49
C THR A 186 -2.50 11.65 -26.19
N TYR A 187 -1.77 11.17 -27.19
CA TYR A 187 -0.87 10.00 -27.05
C TYR A 187 -1.64 8.72 -26.73
N LYS A 188 -2.89 8.64 -27.19
CA LYS A 188 -3.72 7.48 -26.97
C LYS A 188 -3.28 6.35 -27.88
N ILE A 189 -2.91 5.24 -27.26
CA ILE A 189 -2.39 4.05 -27.94
C ILE A 189 -3.52 3.14 -28.40
N LYS A 190 -3.45 2.70 -29.66
CA LYS A 190 -4.40 1.72 -30.19
C LYS A 190 -4.50 0.46 -29.33
N SER A 191 -5.71 0.07 -28.97
CA SER A 191 -5.92 -1.12 -28.15
CA SER A 191 -5.94 -1.12 -28.16
C SER A 191 -5.38 -2.37 -28.85
N ALA A 192 -5.50 -2.41 -30.19
CA ALA A 192 -5.04 -3.56 -30.95
C ALA A 192 -3.52 -3.77 -30.85
N TRP A 193 -2.79 -2.67 -30.73
CA TRP A 193 -1.34 -2.76 -30.53
C TRP A 193 -1.02 -3.25 -29.13
N MET A 194 -1.70 -2.67 -28.14
CA MET A 194 -1.52 -3.11 -26.74
CA MET A 194 -1.51 -3.09 -26.75
C MET A 194 -1.83 -4.59 -26.61
N ASP A 195 -2.84 -5.06 -27.35
CA ASP A 195 -3.18 -6.48 -27.32
C ASP A 195 -2.00 -7.35 -27.79
N LYS A 196 -1.32 -6.90 -28.84
CA LYS A 196 -0.17 -7.67 -29.41
C LYS A 196 0.99 -7.73 -28.40
N VAL A 197 1.29 -6.57 -27.82
CA VAL A 197 2.32 -6.50 -26.79
C VAL A 197 1.95 -7.44 -25.61
N GLU A 198 0.72 -7.32 -25.13
CA GLU A 198 0.27 -8.17 -24.03
C GLU A 198 0.35 -9.67 -24.36
N ALA A 199 0.00 -10.04 -25.59
CA ALA A 199 0.04 -11.46 -25.96
C ALA A 199 1.48 -12.02 -25.85
N ALA A 200 2.46 -11.20 -26.24
CA ALA A 200 3.86 -11.61 -26.15
C ALA A 200 4.32 -11.70 -24.69
N VAL A 201 3.91 -10.72 -23.89
CA VAL A 201 4.22 -10.74 -22.46
C VAL A 201 3.64 -12.00 -21.79
N LYS A 202 2.38 -12.29 -22.08
CA LYS A 202 1.72 -13.48 -21.55
C LYS A 202 2.45 -14.77 -21.95
N ALA A 203 2.83 -14.86 -23.23
CA ALA A 203 3.58 -16.05 -23.72
C ALA A 203 4.92 -16.22 -22.98
N ALA A 204 5.61 -15.10 -22.76
CA ALA A 204 6.90 -15.14 -22.07
C ALA A 204 6.72 -15.58 -20.60
N LEU A 205 5.73 -14.99 -19.95
CA LEU A 205 5.45 -15.36 -18.57
C LEU A 205 5.04 -16.83 -18.43
N ASP A 206 4.18 -17.26 -19.34
CA ASP A 206 3.71 -18.66 -19.34
C ASP A 206 4.86 -19.68 -19.56
N ALA A 207 5.90 -19.25 -20.27
CA ALA A 207 7.11 -20.03 -20.47
C ALA A 207 8.02 -20.10 -19.26
N GLY A 208 7.70 -19.32 -18.24
CA GLY A 208 8.42 -19.36 -16.99
C GLY A 208 9.49 -18.29 -16.84
N LEU A 209 9.42 -17.27 -17.67
CA LEU A 209 10.41 -16.18 -17.62
C LEU A 209 9.98 -14.97 -16.80
N TYR A 210 10.94 -14.28 -16.20
CA TYR A 210 10.77 -12.86 -15.86
C TYR A 210 10.71 -12.06 -17.13
N VAL A 211 9.88 -11.01 -17.14
CA VAL A 211 9.67 -10.19 -18.32
C VAL A 211 9.85 -8.72 -17.96
N ILE A 212 10.63 -8.00 -18.73
CA ILE A 212 10.80 -6.57 -18.64
C ILE A 212 10.25 -5.92 -19.91
N ILE A 213 9.32 -4.98 -19.78
CA ILE A 213 8.87 -4.14 -20.92
C ILE A 213 9.27 -2.70 -20.67
N ASN A 214 9.60 -1.98 -21.72
CA ASN A 214 9.99 -0.58 -21.61
C ASN A 214 9.21 0.29 -22.61
N ILE A 215 9.55 1.57 -22.64
CA ILE A 215 9.33 2.42 -23.82
C ILE A 215 10.74 2.71 -24.36
N HIS A 216 11.00 2.30 -25.61
CA HIS A 216 12.35 2.30 -26.14
C HIS A 216 12.59 3.63 -26.90
N TRP A 217 13.62 3.65 -27.73
CA TRP A 217 14.03 4.87 -28.46
C TRP A 217 12.90 5.46 -29.31
N GLU A 218 12.30 4.61 -30.14
CA GLU A 218 11.18 4.98 -31.03
C GLU A 218 11.25 6.39 -31.64
N GLY A 219 12.38 6.66 -32.28
CA GLY A 219 12.61 7.91 -32.99
C GLY A 219 13.30 9.01 -32.23
N GLY A 220 13.41 8.85 -30.91
CA GLY A 220 14.23 9.76 -30.10
C GLY A 220 13.48 10.94 -29.49
N TRP A 221 12.15 10.91 -29.46
CA TRP A 221 11.40 12.06 -28.92
C TRP A 221 11.76 12.45 -27.49
N LEU A 222 12.24 11.47 -26.69
CA LEU A 222 12.54 11.75 -25.27
C LEU A 222 13.93 12.39 -25.11
N ASN A 223 14.70 12.44 -26.19
CA ASN A 223 16.10 12.87 -26.13
C ASN A 223 16.29 14.38 -26.17
N HIS A 224 15.57 15.05 -25.27
CA HIS A 224 15.67 16.49 -25.08
C HIS A 224 15.59 16.84 -23.61
N PRO A 225 16.62 16.46 -22.85
CA PRO A 225 16.58 16.60 -21.38
C PRO A 225 16.99 18.02 -20.97
N VAL A 226 16.13 18.97 -21.31
CA VAL A 226 16.36 20.40 -21.06
C VAL A 226 15.06 21.00 -20.55
N ASP A 227 15.19 22.04 -19.75
CA ASP A 227 14.03 22.69 -19.13
C ASP A 227 13.01 23.17 -20.15
N ALA A 228 13.47 23.59 -21.34
CA ALA A 228 12.55 24.09 -22.38
C ALA A 228 11.58 23.03 -22.90
N ASN A 229 11.97 21.76 -22.76
CA ASN A 229 11.12 20.66 -23.25
CA ASN A 229 11.18 20.63 -23.27
C ASN A 229 10.60 19.75 -22.14
N LYS A 230 10.98 20.04 -20.89
CA LYS A 230 10.65 19.16 -19.76
C LYS A 230 9.14 18.98 -19.58
N GLU A 231 8.38 20.07 -19.64
CA GLU A 231 6.94 19.99 -19.38
C GLU A 231 6.25 19.05 -20.39
N ALA A 232 6.56 19.24 -21.67
CA ALA A 232 5.96 18.45 -22.74
C ALA A 232 6.37 16.98 -22.65
N LEU A 233 7.65 16.76 -22.36
CA LEU A 233 8.18 15.39 -22.30
C LEU A 233 7.65 14.64 -21.07
N ASP A 234 7.62 15.32 -19.93
CA ASP A 234 7.06 14.72 -18.71
C ASP A 234 5.59 14.36 -18.95
N GLU A 235 4.83 15.27 -19.58
CA GLU A 235 3.41 15.04 -19.81
C GLU A 235 3.20 13.82 -20.71
N ARG A 236 4.01 13.72 -21.77
CA ARG A 236 3.90 12.60 -22.70
C ARG A 236 4.29 11.27 -22.05
N LEU A 237 5.41 11.27 -21.34
CA LEU A 237 5.90 10.05 -20.68
C LEU A 237 4.84 9.53 -19.70
N GLU A 238 4.24 10.45 -18.93
CA GLU A 238 3.15 10.08 -18.03
C GLU A 238 1.95 9.50 -18.77
N ALA A 239 1.53 10.18 -19.85
CA ALA A 239 0.33 9.76 -20.58
C ALA A 239 0.49 8.36 -21.13
N MET A 240 1.70 8.07 -21.61
CA MET A 240 2.00 6.77 -22.18
C MET A 240 2.09 5.71 -21.11
N TRP A 241 2.86 5.99 -20.05
CA TRP A 241 2.98 5.01 -18.97
C TRP A 241 1.69 4.74 -18.19
N LYS A 242 0.82 5.75 -18.12
CA LYS A 242 -0.46 5.51 -17.46
C LYS A 242 -1.24 4.39 -18.17
N GLN A 243 -1.25 4.45 -19.50
CA GLN A 243 -1.93 3.44 -20.30
C GLN A 243 -1.32 2.06 -20.15
N ILE A 244 0.00 2.03 -20.26
CA ILE A 244 0.70 0.73 -20.19
C ILE A 244 0.55 0.11 -18.78
N ALA A 245 0.74 0.95 -17.76
CA ALA A 245 0.58 0.49 -16.37
C ALA A 245 -0.82 -0.04 -16.12
N LEU A 246 -1.84 0.65 -16.61
CA LEU A 246 -3.22 0.17 -16.42
C LEU A 246 -3.47 -1.13 -17.14
N ARG A 247 -2.94 -1.27 -18.35
CA ARG A 247 -3.16 -2.52 -19.10
C ARG A 247 -2.54 -3.72 -18.34
N PHE A 248 -1.34 -3.52 -17.78
CA PHE A 248 -0.58 -4.60 -17.18
C PHE A 248 -0.66 -4.69 -15.64
N ARG A 249 -1.60 -3.94 -15.06
CA ARG A 249 -1.66 -3.77 -13.60
C ARG A 249 -1.84 -5.09 -12.84
N ASP A 250 -2.60 -6.04 -13.41
CA ASP A 250 -2.93 -7.28 -12.68
C ASP A 250 -1.93 -8.40 -12.84
N TYR A 251 -0.81 -8.17 -13.53
CA TYR A 251 0.25 -9.18 -13.65
C TYR A 251 1.09 -9.26 -12.38
N ASP A 252 1.58 -10.46 -12.10
CA ASP A 252 2.35 -10.70 -10.90
C ASP A 252 3.79 -10.15 -10.99
N ASP A 253 4.60 -10.45 -9.99
CA ASP A 253 5.90 -9.79 -9.83
C ASP A 253 6.99 -10.27 -10.80
N ARG A 254 6.65 -11.23 -11.65
CA ARG A 254 7.54 -11.66 -12.69
C ARG A 254 7.56 -10.65 -13.83
N LEU A 255 6.60 -9.72 -13.88
CA LEU A 255 6.59 -8.63 -14.85
C LEU A 255 7.10 -7.35 -14.23
N LEU A 256 8.17 -6.82 -14.82
CA LEU A 256 8.82 -5.56 -14.42
C LEU A 256 8.65 -4.53 -15.53
N PHE A 257 8.57 -3.27 -15.12
CA PHE A 257 8.53 -2.15 -16.06
C PHE A 257 9.82 -1.37 -16.01
N ALA A 258 10.30 -0.97 -17.19
CA ALA A 258 11.50 -0.12 -17.32
C ALA A 258 11.11 1.18 -18.04
N GLY A 259 11.32 2.33 -17.38
CA GLY A 259 10.62 3.54 -17.81
C GLY A 259 11.06 4.12 -19.16
N THR A 260 12.36 4.03 -19.41
CA THR A 260 13.01 4.66 -20.56
C THR A 260 14.11 3.75 -21.08
N ASN A 261 14.75 4.17 -22.16
CA ASN A 261 15.90 3.45 -22.68
C ASN A 261 17.16 4.29 -22.47
N GLU A 262 17.74 4.83 -23.57
CA GLU A 262 19.02 5.56 -23.53
C GLU A 262 18.79 7.06 -23.76
N VAL A 263 18.44 7.78 -22.69
CA VAL A 263 18.11 9.21 -22.79
C VAL A 263 19.44 9.95 -23.01
N ASN A 264 19.41 10.82 -24.02
CA ASN A 264 20.54 11.59 -24.52
C ASN A 264 20.02 12.98 -24.91
N ASN A 265 20.92 13.96 -25.04
CA ASN A 265 20.54 15.20 -25.69
C ASN A 265 20.88 15.17 -27.20
N ASP A 266 19.88 14.87 -28.02
CA ASP A 266 20.07 14.70 -29.45
C ASP A 266 20.44 15.98 -30.20
N ASP A 267 20.22 17.13 -29.57
CA ASP A 267 20.54 18.45 -30.14
C ASP A 267 21.98 18.88 -29.82
N ALA A 268 22.70 18.16 -28.95
CA ALA A 268 24.01 18.67 -28.49
C ALA A 268 25.24 18.03 -29.13
N ASN A 269 25.02 17.14 -30.10
CA ASN A 269 26.13 16.62 -30.91
C ASN A 269 27.28 15.96 -30.11
N GLY A 270 26.95 15.18 -29.08
CA GLY A 270 27.97 14.48 -28.25
C GLY A 270 28.70 15.38 -27.23
N ALA A 271 28.15 16.56 -26.97
CA ALA A 271 28.67 17.40 -25.87
C ALA A 271 28.60 16.66 -24.52
N GLN A 272 29.50 17.01 -23.62
CA GLN A 272 29.41 16.52 -22.25
C GLN A 272 28.05 16.98 -21.63
N PRO A 273 27.30 16.05 -21.03
CA PRO A 273 26.03 16.52 -20.47
C PRO A 273 26.21 17.51 -19.33
N THR A 274 25.20 18.33 -19.14
CA THR A 274 25.22 19.40 -18.16
C THR A 274 24.40 19.04 -16.93
N GLU A 275 24.51 19.82 -15.87
CA GLU A 275 23.70 19.59 -14.69
C GLU A 275 22.20 19.66 -15.00
N GLU A 276 21.82 20.55 -15.91
CA GLU A 276 20.44 20.62 -16.40
C GLU A 276 20.01 19.27 -17.01
N ASN A 277 20.87 18.72 -17.89
CA ASN A 277 20.55 17.45 -18.52
C ASN A 277 20.33 16.32 -17.50
N TYR A 278 21.22 16.22 -16.51
CA TYR A 278 21.04 15.19 -15.46
C TYR A 278 19.80 15.41 -14.62
N ARG A 279 19.51 16.65 -14.28
CA ARG A 279 18.31 16.98 -13.51
C ARG A 279 17.04 16.57 -14.24
N VAL A 280 16.97 16.91 -15.52
CA VAL A 280 15.77 16.66 -16.28
C VAL A 280 15.64 15.14 -16.57
N GLN A 281 16.75 14.48 -16.87
CA GLN A 281 16.71 13.04 -17.14
C GLN A 281 16.39 12.23 -15.88
N ASN A 282 17.01 12.56 -14.74
CA ASN A 282 16.60 11.95 -13.48
C ASN A 282 15.11 12.21 -13.21
N GLY A 283 14.62 13.39 -13.63
CA GLY A 283 13.23 13.72 -13.54
C GLY A 283 12.30 12.77 -14.31
N PHE A 284 12.73 12.35 -15.50
CA PHE A 284 11.95 11.36 -16.30
C PHE A 284 11.74 10.07 -15.50
N ASN A 285 12.81 9.61 -14.84
CA ASN A 285 12.72 8.42 -13.99
C ASN A 285 11.67 8.60 -12.90
N GLN A 286 11.65 9.78 -12.30
CA GLN A 286 10.66 10.10 -11.28
C GLN A 286 9.22 10.13 -11.82
N VAL A 287 9.03 10.73 -12.99
CA VAL A 287 7.74 10.75 -13.65
C VAL A 287 7.22 9.30 -13.83
N PHE A 288 8.09 8.44 -14.36
CA PHE A 288 7.72 7.06 -14.58
C PHE A 288 7.29 6.38 -13.26
N VAL A 289 8.08 6.51 -12.22
CA VAL A 289 7.74 5.87 -10.94
C VAL A 289 6.39 6.42 -10.41
N ASN A 290 6.25 7.74 -10.42
CA ASN A 290 5.03 8.40 -9.97
C ASN A 290 3.79 7.83 -10.68
N THR A 291 3.91 7.72 -12.01
CA THR A 291 2.80 7.29 -12.85
C THR A 291 2.37 5.85 -12.55
N VAL A 292 3.36 4.94 -12.46
CA VAL A 292 3.04 3.54 -12.18
C VAL A 292 2.40 3.41 -10.80
N ARG A 293 3.03 4.05 -9.81
CA ARG A 293 2.52 3.91 -8.42
C ARG A 293 1.11 4.51 -8.26
N ALA A 294 0.83 5.57 -9.03
CA ALA A 294 -0.45 6.26 -8.96
C ALA A 294 -1.62 5.36 -9.46
N THR A 295 -1.29 4.29 -10.17
CA THR A 295 -2.34 3.35 -10.62
C THR A 295 -2.77 2.34 -9.55
N GLY A 296 -1.92 2.16 -8.55
CA GLY A 296 -2.22 1.27 -7.46
C GLY A 296 -2.29 -0.19 -7.84
N GLY A 297 -3.13 -0.95 -7.13
CA GLY A 297 -3.19 -2.40 -7.32
C GLY A 297 -1.82 -3.02 -7.15
N ARG A 298 -1.53 -4.05 -7.95
CA ARG A 298 -0.22 -4.69 -7.88
C ARG A 298 0.92 -3.74 -8.31
N ASN A 299 0.57 -2.69 -9.06
CA ASN A 299 1.57 -1.69 -9.47
C ASN A 299 2.12 -0.88 -8.29
N HIS A 300 1.46 -0.94 -7.16
CA HIS A 300 2.02 -0.37 -5.92
C HIS A 300 3.32 -1.07 -5.52
N TYR A 301 3.38 -2.38 -5.78
CA TYR A 301 4.46 -3.25 -5.34
C TYR A 301 5.43 -3.70 -6.44
N ARG A 302 5.09 -3.43 -7.71
CA ARG A 302 5.85 -3.98 -8.81
C ARG A 302 7.28 -3.49 -8.76
N HIS A 303 8.19 -4.33 -9.19
CA HIS A 303 9.60 -3.92 -9.29
C HIS A 303 9.77 -3.12 -10.55
N LEU A 304 10.30 -1.91 -10.37
CA LEU A 304 10.50 -0.94 -11.44
C LEU A 304 11.97 -0.74 -11.72
N ILE A 305 12.29 -0.41 -12.97
CA ILE A 305 13.65 -0.30 -13.43
C ILE A 305 13.84 1.10 -14.04
N VAL A 306 14.77 1.87 -13.49
CA VAL A 306 15.05 3.22 -13.93
C VAL A 306 16.48 3.28 -14.48
N GLN A 307 16.72 4.23 -15.39
CA GLN A 307 17.94 4.22 -16.18
C GLN A 307 18.92 5.32 -15.83
N ALA A 308 20.20 4.96 -15.91
CA ALA A 308 21.26 5.98 -15.91
C ALA A 308 21.19 6.82 -17.17
N TYR A 309 21.80 8.00 -17.12
CA TYR A 309 21.87 8.90 -18.26
C TYR A 309 22.63 8.14 -19.37
N ASN A 310 22.03 8.08 -20.58
CA ASN A 310 22.65 7.34 -21.70
CA ASN A 310 22.53 7.31 -21.72
C ASN A 310 22.78 5.83 -21.39
N THR A 311 22.13 5.35 -20.32
CA THR A 311 22.40 4.02 -19.70
C THR A 311 23.93 3.80 -19.46
N ASP A 312 24.65 4.88 -19.23
CA ASP A 312 26.12 4.80 -19.13
C ASP A 312 26.56 4.53 -17.70
N VAL A 313 27.45 3.56 -17.52
CA VAL A 313 27.92 3.18 -16.20
C VAL A 313 28.58 4.34 -15.47
N ALA A 314 29.55 5.01 -16.08
CA ALA A 314 30.26 6.07 -15.36
C ALA A 314 29.30 7.21 -15.00
N LYS A 315 28.37 7.54 -15.89
CA LYS A 315 27.38 8.57 -15.60
C LYS A 315 26.39 8.15 -14.49
N ALA A 316 26.14 6.85 -14.38
CA ALA A 316 25.31 6.35 -13.26
C ALA A 316 26.00 6.67 -11.94
N VAL A 317 27.26 6.25 -11.84
CA VAL A 317 28.03 6.43 -10.63
C VAL A 317 28.13 7.90 -10.26
N ALA A 318 28.34 8.77 -11.27
CA ALA A 318 28.56 10.21 -11.01
C ALA A 318 27.26 11.01 -10.82
N HIS A 319 26.18 10.60 -11.46
CA HIS A 319 25.00 11.48 -11.57
C HIS A 319 23.63 10.89 -11.32
N PHE A 320 23.49 9.57 -11.26
CA PHE A 320 22.17 8.97 -11.07
C PHE A 320 21.71 9.24 -9.65
N THR A 321 20.46 9.67 -9.52
CA THR A 321 19.79 9.80 -8.22
C THR A 321 18.59 8.84 -8.13
N MET A 322 18.40 8.24 -6.95
CA MET A 322 17.28 7.33 -6.75
CA MET A 322 17.29 7.33 -6.76
C MET A 322 15.98 8.12 -6.73
N PRO A 323 14.98 7.68 -7.51
CA PRO A 323 13.69 8.32 -7.36
C PRO A 323 13.10 8.10 -5.95
N LEU A 324 12.27 9.05 -5.53
CA LEU A 324 11.43 8.84 -4.37
C LEU A 324 10.34 7.82 -4.74
N ASP A 325 9.95 7.01 -3.79
CA ASP A 325 8.96 5.96 -4.05
C ASP A 325 8.05 5.84 -2.80
N ILE A 326 6.93 5.16 -2.98
CA ILE A 326 5.90 4.95 -1.95
C ILE A 326 6.05 3.59 -1.24
N VAL A 327 6.92 2.73 -1.79
CA VAL A 327 7.30 1.43 -1.21
C VAL A 327 8.81 1.37 -1.13
N GLN A 328 9.30 0.58 -0.18
CA GLN A 328 10.73 0.43 0.05
C GLN A 328 11.31 -0.67 -0.85
N ASN A 329 12.46 -0.34 -1.45
CA ASN A 329 13.35 -1.35 -2.06
C ASN A 329 12.66 -2.13 -3.21
N ARG A 330 11.99 -1.38 -4.10
CA ARG A 330 11.34 -1.98 -5.27
CA ARG A 330 11.34 -1.97 -5.27
C ARG A 330 11.79 -1.30 -6.57
N ILE A 331 13.02 -0.79 -6.58
CA ILE A 331 13.63 -0.16 -7.75
C ILE A 331 15.00 -0.78 -8.08
N PHE A 332 15.16 -1.05 -9.37
CA PHE A 332 16.45 -1.43 -9.97
C PHE A 332 17.03 -0.23 -10.75
N LEU A 333 18.36 -0.19 -10.85
CA LEU A 333 19.06 0.67 -11.83
C LEU A 333 19.36 -0.16 -13.08
N GLU A 334 19.27 0.49 -14.25
CA GLU A 334 19.68 -0.10 -15.53
C GLU A 334 20.80 0.71 -16.19
N CYS A 335 21.85 -0.01 -16.59
CA CYS A 335 22.88 0.47 -17.48
C CYS A 335 23.00 -0.50 -18.66
N HIS A 336 23.59 -0.02 -19.75
CA HIS A 336 23.97 -0.87 -20.86
C HIS A 336 25.47 -0.89 -20.94
N TYR A 337 26.03 -1.89 -21.60
CA TYR A 337 27.51 -2.04 -21.60
C TYR A 337 27.96 -2.62 -22.93
N TYR A 338 28.63 -1.79 -23.70
CA TYR A 338 29.15 -2.16 -25.03
C TYR A 338 30.64 -1.83 -25.24
N ASP A 339 31.37 -1.55 -24.17
CA ASP A 339 32.79 -1.28 -24.29
C ASP A 339 33.51 -2.59 -24.58
N PRO A 340 34.54 -2.56 -25.45
CA PRO A 340 34.93 -1.45 -26.29
C PRO A 340 34.10 -1.40 -27.57
N TYR A 341 33.59 -0.21 -27.84
CA TYR A 341 32.65 0.03 -28.95
C TYR A 341 33.20 -0.43 -30.32
N ASP A 342 34.49 -0.22 -30.56
CA ASP A 342 35.08 -0.58 -31.85
C ASP A 342 35.18 -2.10 -32.10
N PHE A 343 35.04 -2.89 -31.04
CA PHE A 343 34.89 -4.33 -31.14
C PHE A 343 33.41 -4.76 -31.20
N THR A 344 32.61 -4.28 -30.25
CA THR A 344 31.27 -4.82 -30.08
C THR A 344 30.29 -4.45 -31.20
N ILE A 345 30.11 -3.15 -31.45
CA ILE A 345 28.99 -2.68 -32.27
C ILE A 345 29.32 -1.61 -33.32
N MET A 346 30.59 -1.24 -33.43
CA MET A 346 31.00 -0.30 -34.50
C MET A 346 30.66 -0.95 -35.85
N PRO A 347 30.05 -0.19 -36.77
CA PRO A 347 29.68 -0.72 -38.08
C PRO A 347 30.85 -1.28 -38.89
N ASN A 348 30.50 -2.20 -39.79
CA ASN A 348 31.47 -2.90 -40.61
C ASN A 348 32.18 -1.99 -41.61
N ASP A 349 31.58 -0.85 -41.92
CA ASP A 349 32.21 0.13 -42.84
C ASP A 349 33.08 1.19 -42.14
N GLU A 350 33.29 0.99 -40.85
CA GLU A 350 34.17 1.82 -40.03
C GLU A 350 35.35 0.96 -39.59
N ASN A 351 36.26 1.54 -38.81
CA ASN A 351 37.53 0.91 -38.47
C ASN A 351 37.41 -0.03 -37.30
N PHE A 352 36.64 -1.10 -37.48
CA PHE A 352 36.33 -2.00 -36.35
C PHE A 352 37.53 -2.88 -35.97
N LYS A 353 37.50 -3.40 -34.76
CA LYS A 353 38.46 -4.37 -34.28
C LYS A 353 37.74 -5.71 -34.22
N SER A 354 38.32 -6.75 -34.83
CA SER A 354 37.68 -8.04 -34.92
C SER A 354 37.99 -8.97 -33.73
N GLN A 355 39.02 -8.62 -32.95
CA GLN A 355 39.53 -9.47 -31.89
C GLN A 355 39.40 -8.77 -30.54
N TRP A 356 39.48 -9.60 -29.50
CA TRP A 356 39.34 -9.13 -28.11
C TRP A 356 40.04 -10.08 -27.15
N GLY A 357 40.71 -9.52 -26.14
CA GLY A 357 41.10 -10.28 -24.96
C GLY A 357 42.55 -10.75 -24.96
N ALA A 358 42.94 -11.31 -23.83
CA ALA A 358 44.35 -11.71 -23.56
C ALA A 358 44.91 -12.66 -24.63
N ALA A 359 44.06 -13.57 -25.12
CA ALA A 359 44.46 -14.56 -26.13
C ALA A 359 44.94 -13.90 -27.43
N PHE A 360 44.49 -12.67 -27.67
CA PHE A 360 44.84 -11.90 -28.88
C PHE A 360 45.64 -10.63 -28.66
N ALA A 361 46.22 -10.49 -27.46
CA ALA A 361 47.12 -9.36 -27.21
C ALA A 361 48.17 -9.29 -28.32
N GLY A 362 48.38 -8.10 -28.88
CA GLY A 362 49.38 -7.90 -29.96
C GLY A 362 48.75 -8.01 -31.35
N GLY A 363 47.47 -8.38 -31.35
CA GLY A 363 46.66 -8.56 -32.57
C GLY A 363 45.71 -7.41 -32.90
N ASP A 364 44.57 -7.75 -33.49
CA ASP A 364 43.58 -6.75 -33.93
C ASP A 364 42.62 -6.40 -32.81
N VAL A 365 43.22 -6.02 -31.67
CA VAL A 365 42.43 -5.71 -30.48
C VAL A 365 42.29 -4.22 -30.25
N SER A 366 41.27 -3.89 -29.50
CA SER A 366 41.00 -2.51 -29.12
C SER A 366 42.05 -1.98 -28.12
N ALA A 367 42.23 -0.65 -28.10
CA ALA A 367 43.13 0.03 -27.14
C ALA A 367 42.57 0.15 -25.72
N THR A 368 41.27 -0.10 -25.61
CA THR A 368 40.53 -0.03 -24.35
C THR A 368 39.63 -1.25 -24.26
N GLY A 369 38.95 -1.39 -23.13
CA GLY A 369 37.91 -2.38 -22.95
C GLY A 369 38.36 -3.82 -22.94
N GLN A 370 39.64 -4.05 -22.62
CA GLN A 370 40.13 -5.38 -22.39
C GLN A 370 39.77 -5.76 -20.93
N GLU A 371 40.24 -6.89 -20.47
CA GLU A 371 39.80 -7.47 -19.19
C GLU A 371 39.84 -6.51 -18.01
N GLY A 372 40.95 -5.82 -17.83
CA GLY A 372 41.08 -4.94 -16.69
C GLY A 372 40.08 -3.78 -16.76
N ASP A 373 39.89 -3.21 -17.94
CA ASP A 373 38.94 -2.11 -18.13
C ASP A 373 37.49 -2.56 -17.85
N ILE A 374 37.14 -3.74 -18.31
CA ILE A 374 35.80 -4.29 -18.09
C ILE A 374 35.58 -4.49 -16.59
N GLU A 375 36.56 -5.10 -15.91
CA GLU A 375 36.47 -5.29 -14.45
C GLU A 375 36.33 -3.96 -13.71
N ALA A 376 37.11 -2.96 -14.11
CA ALA A 376 37.06 -1.66 -13.43
C ALA A 376 35.70 -1.00 -13.61
N THR A 377 35.20 -1.00 -14.83
CA THR A 377 33.93 -0.32 -15.07
C THR A 377 32.74 -1.03 -14.39
N LEU A 378 32.65 -2.34 -14.57
CA LEU A 378 31.51 -3.06 -14.01
C LEU A 378 31.58 -3.11 -12.47
N SER A 379 32.78 -3.21 -11.90
CA SER A 379 32.94 -3.19 -10.43
C SER A 379 32.60 -1.83 -9.81
N SER A 380 32.69 -0.75 -10.59
CA SER A 380 32.34 0.59 -10.09
C SER A 380 30.84 0.70 -9.68
N LEU A 381 30.04 -0.22 -10.19
CA LEU A 381 28.62 -0.33 -9.82
C LEU A 381 28.37 -0.91 -8.43
N ASN A 382 29.45 -1.32 -7.76
CA ASN A 382 29.37 -1.78 -6.36
C ASN A 382 28.76 -0.75 -5.43
N VAL A 383 28.89 0.54 -5.77
CA VAL A 383 28.30 1.61 -4.95
C VAL A 383 26.76 1.43 -4.86
N PHE A 384 26.14 0.99 -5.95
CA PHE A 384 24.72 0.68 -5.94
C PHE A 384 24.41 -0.60 -5.19
N ILE A 385 25.15 -1.66 -5.48
CA ILE A 385 24.89 -2.96 -4.87
C ILE A 385 24.99 -2.84 -3.34
N ASN A 386 26.02 -2.15 -2.88
CA ASN A 386 26.24 -1.97 -1.43
C ASN A 386 25.23 -1.04 -0.77
N ASN A 387 24.56 -0.22 -1.58
CA ASN A 387 23.40 0.57 -1.17
C ASN A 387 22.07 -0.15 -1.33
N ASN A 388 22.13 -1.47 -1.56
CA ASN A 388 20.92 -2.30 -1.70
C ASN A 388 20.07 -1.94 -2.94
N VAL A 389 20.75 -1.44 -3.98
CA VAL A 389 20.10 -1.13 -5.26
C VAL A 389 20.66 -2.08 -6.31
N PRO A 390 19.82 -3.03 -6.78
CA PRO A 390 20.31 -3.95 -7.80
C PRO A 390 20.46 -3.28 -9.14
N VAL A 391 21.27 -3.91 -9.99
CA VAL A 391 21.61 -3.36 -11.29
C VAL A 391 21.42 -4.41 -12.37
N ILE A 392 20.64 -4.04 -13.38
CA ILE A 392 20.49 -4.80 -14.60
C ILE A 392 21.39 -4.18 -15.66
N ILE A 393 22.26 -5.01 -16.24
CA ILE A 393 22.96 -4.65 -17.47
C ILE A 393 22.00 -5.06 -18.58
N GLY A 394 21.18 -4.09 -18.99
CA GLY A 394 20.01 -4.38 -19.82
C GLY A 394 20.31 -4.80 -21.24
N GLU A 395 21.52 -4.43 -21.70
CA GLU A 395 22.05 -4.85 -22.98
C GLU A 395 23.56 -4.97 -22.88
N TYR A 396 24.08 -6.04 -23.46
CA TYR A 396 25.51 -6.20 -23.76
C TYR A 396 25.59 -7.14 -24.96
N GLY A 397 26.73 -7.17 -25.63
CA GLY A 397 27.03 -8.20 -26.61
C GLY A 397 27.65 -7.67 -27.89
N PRO A 398 28.50 -8.50 -28.51
CA PRO A 398 29.15 -8.10 -29.75
C PRO A 398 28.40 -8.58 -31.00
N THR A 399 28.47 -7.78 -32.05
CA THR A 399 27.96 -8.26 -33.35
C THR A 399 28.79 -9.43 -33.85
N LEU A 400 28.24 -10.14 -34.84
CA LEU A 400 28.97 -11.21 -35.50
C LEU A 400 29.21 -10.78 -36.95
N ARG A 401 30.50 -10.59 -37.25
CA ARG A 401 30.96 -10.05 -38.52
C ARG A 401 31.17 -11.20 -39.54
N ASP A 402 30.05 -11.63 -40.10
CA ASP A 402 29.97 -12.84 -40.90
C ASP A 402 30.58 -12.73 -42.29
N GLN A 403 31.01 -11.53 -42.63
CA GLN A 403 31.74 -11.29 -43.87
C GLN A 403 33.20 -11.64 -43.83
N LEU A 404 33.73 -11.77 -42.62
CA LEU A 404 35.12 -12.20 -42.41
C LEU A 404 35.30 -13.65 -42.83
N THR A 405 36.54 -14.00 -43.20
CA THR A 405 36.89 -15.35 -43.63
C THR A 405 38.22 -15.79 -42.99
N GLY A 406 38.50 -17.07 -43.11
CA GLY A 406 39.78 -17.65 -42.76
C GLY A 406 40.14 -17.45 -41.30
N GLU A 407 41.42 -17.20 -41.04
CA GLU A 407 41.92 -17.04 -39.69
C GLU A 407 41.22 -15.87 -39.01
N ALA A 408 41.00 -14.80 -39.75
CA ALA A 408 40.34 -13.59 -39.20
C ALA A 408 38.95 -13.96 -38.67
N LEU A 409 38.21 -14.77 -39.42
CA LEU A 409 36.85 -15.18 -38.96
C LEU A 409 36.95 -16.06 -37.71
N GLU A 410 37.86 -17.04 -37.73
CA GLU A 410 37.97 -17.95 -36.62
C GLU A 410 38.35 -17.19 -35.34
N ASN A 411 39.31 -16.30 -35.44
CA ASN A 411 39.77 -15.50 -34.31
C ASN A 411 38.65 -14.57 -33.80
N HIS A 412 37.85 -14.09 -34.72
CA HIS A 412 36.72 -13.22 -34.40
C HIS A 412 35.67 -14.02 -33.63
N LEU A 413 35.33 -15.21 -34.11
CA LEU A 413 34.29 -16.02 -33.46
C LEU A 413 34.72 -16.34 -32.03
N LYS A 414 35.99 -16.72 -31.86
CA LYS A 414 36.55 -17.02 -30.55
C LYS A 414 36.52 -15.79 -29.65
N SER A 415 36.92 -14.65 -30.20
CA SER A 415 36.97 -13.40 -29.46
C SER A 415 35.58 -13.06 -28.93
N ARG A 416 34.56 -13.18 -29.76
CA ARG A 416 33.18 -12.89 -29.32
C ARG A 416 32.84 -13.71 -28.10
N ASN A 417 33.11 -15.01 -28.16
CA ASN A 417 32.76 -15.91 -27.06
C ASN A 417 33.60 -15.70 -25.80
N ASP A 418 34.87 -15.36 -25.98
CA ASP A 418 35.75 -15.00 -24.85
C ASP A 418 35.19 -13.74 -24.16
N TYR A 419 34.80 -12.77 -24.97
CA TYR A 419 34.28 -11.48 -24.50
C TYR A 419 32.95 -11.69 -23.73
N ILE A 420 32.04 -12.42 -24.33
CA ILE A 420 30.75 -12.74 -23.75
C ILE A 420 30.92 -13.41 -22.40
N GLU A 421 31.73 -14.45 -22.34
CA GLU A 421 31.98 -15.15 -21.08
C GLU A 421 32.54 -14.21 -20.04
N TYR A 422 33.46 -13.34 -20.46
CA TYR A 422 34.17 -12.45 -19.53
C TYR A 422 33.17 -11.41 -18.96
N VAL A 423 32.38 -10.81 -19.82
CA VAL A 423 31.39 -9.84 -19.36
C VAL A 423 30.42 -10.50 -18.37
N VAL A 424 29.90 -11.66 -18.73
CA VAL A 424 28.94 -12.40 -17.90
C VAL A 424 29.54 -12.73 -16.54
N LYS A 425 30.73 -13.33 -16.54
CA LYS A 425 31.41 -13.68 -15.27
C LYS A 425 31.64 -12.44 -14.42
N THR A 426 32.01 -11.33 -15.04
CA THR A 426 32.25 -10.10 -14.30
C THR A 426 30.95 -9.55 -13.70
N CYS A 427 29.87 -9.64 -14.45
CA CYS A 427 28.56 -9.27 -13.90
C CYS A 427 28.18 -10.14 -12.70
N VAL A 428 28.32 -11.45 -12.83
CA VAL A 428 28.04 -12.39 -11.73
C VAL A 428 28.85 -12.02 -10.47
N LYS A 429 30.14 -11.77 -10.64
CA LYS A 429 31.02 -11.43 -9.52
C LYS A 429 30.52 -10.18 -8.79
N ASN A 430 29.94 -9.27 -9.56
CA ASN A 430 29.50 -7.97 -9.07
C ASN A 430 28.00 -7.90 -8.77
N LYS A 431 27.33 -9.04 -8.83
CA LYS A 431 25.91 -9.19 -8.52
C LYS A 431 25.00 -8.41 -9.48
N LEU A 432 25.47 -8.19 -10.72
CA LEU A 432 24.72 -7.52 -11.79
C LEU A 432 24.01 -8.57 -12.63
N VAL A 433 22.85 -8.22 -13.16
CA VAL A 433 22.07 -9.12 -14.00
C VAL A 433 22.31 -8.84 -15.49
N PRO A 434 22.94 -9.77 -16.21
CA PRO A 434 23.33 -9.47 -17.60
C PRO A 434 22.32 -9.95 -18.63
N LEU A 435 21.84 -9.05 -19.48
CA LEU A 435 20.88 -9.38 -20.56
C LEU A 435 21.51 -9.14 -21.94
N TYR A 436 21.67 -10.24 -22.67
CA TYR A 436 22.33 -10.28 -23.98
C TYR A 436 21.47 -9.61 -25.06
N TRP A 437 22.12 -8.84 -25.93
CA TRP A 437 21.46 -8.15 -27.04
C TRP A 437 21.32 -9.08 -28.24
N ASP A 438 20.13 -9.65 -28.39
CA ASP A 438 19.75 -10.47 -29.55
C ASP A 438 18.80 -9.63 -30.36
N ALA A 439 19.20 -9.31 -31.59
CA ALA A 439 18.38 -8.47 -32.50
C ALA A 439 17.85 -9.28 -33.67
N GLY A 440 17.98 -10.60 -33.59
CA GLY A 440 17.53 -11.51 -34.67
C GLY A 440 18.36 -11.51 -35.95
N TYR A 441 19.55 -10.91 -35.87
CA TYR A 441 20.47 -10.82 -37.02
C TYR A 441 21.66 -11.76 -36.72
N THR A 442 22.86 -11.44 -37.19
CA THR A 442 23.95 -12.41 -37.07
C THR A 442 24.39 -12.71 -35.64
N GLU A 443 24.10 -11.78 -34.74
CA GLU A 443 24.39 -11.91 -33.31
C GLU A 443 23.34 -12.72 -32.54
N LYS A 444 22.30 -13.20 -33.21
CA LYS A 444 21.19 -13.82 -32.50
C LYS A 444 21.58 -15.16 -31.83
N LEU A 445 20.90 -15.49 -30.73
CA LEU A 445 21.15 -16.76 -30.06
C LEU A 445 20.20 -17.86 -30.51
N PHE A 446 19.03 -17.44 -30.99
CA PHE A 446 17.93 -18.37 -31.33
C PHE A 446 17.37 -18.07 -32.72
N ASP A 447 16.81 -19.10 -33.35
CA ASP A 447 15.94 -18.92 -34.49
C ASP A 447 14.62 -18.32 -33.98
N ARG A 448 14.27 -17.14 -34.46
CA ARG A 448 13.04 -16.48 -33.97
C ARG A 448 11.75 -17.24 -34.31
N THR A 449 11.75 -17.96 -35.41
CA THR A 449 10.56 -18.68 -35.83
C THR A 449 10.32 -19.93 -35.01
N THR A 450 11.37 -20.73 -34.83
CA THR A 450 11.22 -22.04 -34.16
C THR A 450 11.62 -22.09 -32.70
N GLY A 451 12.33 -21.05 -32.23
CA GLY A 451 12.90 -21.08 -30.89
C GLY A 451 14.11 -21.99 -30.67
N GLN A 452 14.58 -22.67 -31.72
CA GLN A 452 15.74 -23.54 -31.60
C GLN A 452 17.04 -22.71 -31.46
N PRO A 453 18.04 -23.26 -30.76
CA PRO A 453 19.30 -22.55 -30.71
C PRO A 453 19.92 -22.32 -32.07
N HIS A 454 20.37 -21.09 -32.27
CA HIS A 454 21.10 -20.66 -33.47
C HIS A 454 22.59 -20.64 -33.25
N ASN A 455 23.03 -20.16 -32.09
CA ASN A 455 24.43 -20.06 -31.80
C ASN A 455 24.75 -20.76 -30.48
N ALA A 456 24.82 -22.08 -30.55
CA ALA A 456 25.11 -22.90 -29.38
C ALA A 456 26.39 -22.48 -28.69
N ALA A 457 27.41 -22.12 -29.45
CA ALA A 457 28.71 -21.76 -28.87
C ALA A 457 28.60 -20.48 -28.02
N SER A 458 27.86 -19.50 -28.50
CA SER A 458 27.68 -18.25 -27.74
C SER A 458 26.74 -18.43 -26.54
N ILE A 459 25.68 -19.24 -26.69
CA ILE A 459 24.85 -19.62 -25.54
C ILE A 459 25.75 -20.27 -24.49
N ALA A 460 26.59 -21.21 -24.92
CA ALA A 460 27.49 -21.91 -24.01
C ALA A 460 28.48 -20.95 -23.31
N ALA A 461 28.92 -19.90 -24.01
CA ALA A 461 29.82 -18.89 -23.42
C ALA A 461 29.12 -18.17 -22.25
N ILE A 462 27.86 -17.82 -22.47
CA ILE A 462 27.07 -17.17 -21.43
C ILE A 462 26.92 -18.13 -20.23
N MET A 463 26.58 -19.39 -20.49
CA MET A 463 26.35 -20.32 -19.40
C MET A 463 27.64 -20.61 -18.63
N LYS A 464 28.76 -20.61 -19.35
CA LYS A 464 30.09 -20.80 -18.73
C LYS A 464 30.37 -19.62 -17.81
N GLY A 465 30.07 -18.40 -18.27
CA GLY A 465 30.22 -17.22 -17.45
C GLY A 465 29.35 -17.20 -16.21
N LEU A 466 28.16 -17.78 -16.34
CA LEU A 466 27.23 -17.84 -15.22
C LEU A 466 27.68 -18.79 -14.17
N ASN A 467 28.27 -19.90 -14.60
CA ASN A 467 28.61 -20.98 -13.69
C ASN A 467 30.08 -21.08 -13.33
N LEU A 468 30.89 -20.19 -13.88
CA LEU A 468 32.35 -20.23 -13.74
C LEU A 468 32.78 -20.33 -12.27
N GLU A 469 32.41 -19.31 -11.51
CA GLU A 469 32.83 -19.16 -10.09
C GLU A 469 32.07 -20.01 -9.07
N HIS A 470 31.01 -20.69 -9.51
CA HIS A 470 30.24 -21.61 -8.65
C HIS A 470 30.86 -22.99 -8.63
N HIS A 471 31.14 -23.50 -9.83
CA HIS A 471 31.73 -24.83 -10.03
C HIS A 471 33.25 -24.79 -9.87
N HIS A 472 33.88 -23.89 -10.61
CA HIS A 472 35.33 -23.72 -10.62
C HIS A 472 35.75 -22.50 -9.83
N HIS A 473 35.61 -22.61 -8.50
CA HIS A 473 35.96 -21.54 -7.56
C HIS A 473 37.36 -21.76 -6.95
N HIS A 474 38.05 -20.67 -6.63
CA HIS A 474 39.35 -20.73 -5.93
C HIS A 474 39.68 -19.48 -5.08
N HIS A 475 40.65 -19.61 -4.16
CA HIS A 475 41.11 -18.49 -3.31
C HIS A 475 42.44 -17.92 -3.84
N SER B 7 10.97 30.79 25.93
CA SER B 7 10.58 29.35 25.86
C SER B 7 9.06 29.13 25.96
N LEU B 8 8.50 28.58 24.88
CA LEU B 8 7.05 28.43 24.76
C LEU B 8 6.74 26.96 24.50
N GLU B 9 6.01 26.34 25.42
CA GLU B 9 5.70 24.92 25.31
C GLU B 9 4.20 24.64 25.47
N VAL B 10 3.67 23.78 24.59
CA VAL B 10 2.28 23.31 24.63
C VAL B 10 2.34 21.79 24.44
N ALA B 11 1.84 21.07 25.44
CA ALA B 11 1.88 19.63 25.42
C ALA B 11 1.14 19.06 24.21
N GLN B 12 1.62 17.89 23.80
CA GLN B 12 1.17 17.23 22.59
C GLN B 12 -0.33 16.96 22.63
N GLU B 13 -0.83 16.60 23.82
CA GLU B 13 -2.26 16.32 24.03
C GLU B 13 -3.18 17.49 23.65
N TYR B 14 -2.62 18.70 23.60
CA TYR B 14 -3.43 19.91 23.32
C TYR B 14 -3.35 20.42 21.88
N ARG B 15 -2.60 19.71 21.04
CA ARG B 15 -2.27 20.20 19.69
C ARG B 15 -3.36 19.94 18.66
N ASN B 16 -4.23 18.97 18.96
CA ASN B 16 -5.31 18.59 18.06
C ASN B 16 -6.60 18.37 18.82
N LEU B 17 -7.44 19.41 18.83
CA LEU B 17 -8.67 19.40 19.59
C LEU B 17 -9.83 18.97 18.72
N GLU B 18 -10.69 18.14 19.30
CA GLU B 18 -11.86 17.60 18.60
C GLU B 18 -13.13 17.91 19.37
N PHE B 19 -14.07 18.57 18.69
CA PHE B 19 -15.35 18.96 19.26
C PHE B 19 -16.49 18.39 18.43
N ASP B 20 -17.60 18.08 19.08
CA ASP B 20 -18.81 17.71 18.31
C ASP B 20 -19.62 18.99 18.00
N ALA B 21 -20.75 18.85 17.31
CA ALA B 21 -21.54 19.98 16.77
C ALA B 21 -22.20 20.87 17.83
N ARG B 22 -22.27 20.39 19.06
CA ARG B 22 -22.79 21.20 20.15
C ARG B 22 -21.83 22.36 20.48
N GLY B 23 -22.34 23.47 21.00
CA GLY B 23 -21.43 24.39 21.71
C GLY B 23 -20.72 23.70 22.89
N SER B 24 -19.41 23.89 23.02
CA SER B 24 -18.64 23.27 24.13
C SER B 24 -17.34 24.00 24.41
N ARG B 25 -16.61 23.49 25.39
CA ARG B 25 -15.40 24.12 25.88
C ARG B 25 -14.40 23.05 26.29
N GLN B 26 -13.12 23.29 25.95
CA GLN B 26 -12.01 22.46 26.40
C GLN B 26 -10.93 23.34 26.98
N THR B 27 -10.15 22.78 27.88
CA THR B 27 -9.10 23.53 28.58
C THR B 27 -7.72 22.97 28.21
N ILE B 28 -6.86 23.89 27.78
CA ILE B 28 -5.46 23.57 27.47
C ILE B 28 -4.54 24.29 28.47
N GLN B 29 -3.29 23.85 28.51
CA GLN B 29 -2.27 24.51 29.30
C GLN B 29 -1.16 25.06 28.41
N ILE B 30 -0.90 26.35 28.59
CA ILE B 30 0.22 27.05 27.96
C ILE B 30 1.34 27.25 28.99
N ASP B 31 2.53 26.70 28.70
CA ASP B 31 3.72 26.85 29.56
C ASP B 31 4.69 27.81 28.85
N GLY B 32 4.45 29.11 29.04
CA GLY B 32 5.12 30.13 28.24
C GLY B 32 6.01 31.04 29.06
N PRO B 33 6.66 31.99 28.38
CA PRO B 33 7.55 32.96 29.03
C PRO B 33 6.75 34.11 29.67
N ALA B 34 7.47 35.17 30.06
CA ALA B 34 6.87 36.38 30.64
C ALA B 34 5.65 36.89 29.88
N GLU B 35 5.69 36.79 28.55
CA GLU B 35 4.59 37.28 27.71
C GLU B 35 4.34 36.35 26.52
N TRP B 36 3.07 36.00 26.31
CA TRP B 36 2.67 35.22 25.13
C TRP B 36 1.28 35.59 24.68
N HIS B 37 0.94 35.15 23.48
CA HIS B 37 -0.26 35.58 22.80
C HIS B 37 -1.00 34.43 22.14
N ILE B 38 -2.31 34.62 21.99
CA ILE B 38 -3.20 33.65 21.33
C ILE B 38 -4.19 34.31 20.39
N SER B 39 -4.28 33.77 19.18
CA SER B 39 -5.34 34.14 18.25
C SER B 39 -5.94 32.89 17.62
N THR B 40 -7.13 33.04 17.04
CA THR B 40 -7.76 31.95 16.32
C THR B 40 -8.18 32.41 14.94
N SER B 41 -8.31 31.45 14.03
CA SER B 41 -8.53 31.73 12.62
C SER B 41 -10.02 31.88 12.25
N GLU B 42 -10.92 31.52 13.18
CA GLU B 42 -12.36 31.54 12.92
C GLU B 42 -13.13 32.13 14.11
N SER B 43 -14.17 32.89 13.80
CA SER B 43 -14.98 33.59 14.81
C SER B 43 -15.74 32.65 15.74
N TRP B 44 -16.10 31.47 15.22
CA TRP B 44 -16.83 30.44 16.00
C TRP B 44 -15.93 29.69 17.00
N CYS B 45 -14.63 29.92 16.90
CA CYS B 45 -13.62 29.38 17.82
C CYS B 45 -12.96 30.49 18.65
N LYS B 46 -13.24 30.47 19.96
CA LYS B 46 -12.81 31.54 20.87
C LYS B 46 -11.81 31.04 21.91
N SER B 47 -10.88 31.92 22.25
CA SER B 47 -9.96 31.75 23.38
C SER B 47 -10.36 32.66 24.55
N SER B 48 -10.31 32.11 25.78
CA SER B 48 -10.42 32.88 27.02
C SER B 48 -9.30 33.93 27.17
N HIS B 49 -8.18 33.67 26.53
CA HIS B 49 -6.99 34.54 26.58
C HIS B 49 -6.58 35.05 25.21
N THR B 50 -6.26 36.34 25.13
CA THR B 50 -5.56 36.91 23.95
C THR B 50 -4.09 37.17 24.27
N ILE B 51 -3.83 37.60 25.50
CA ILE B 51 -2.49 37.70 26.05
C ILE B 51 -2.44 36.86 27.35
N GLY B 52 -1.23 36.38 27.65
CA GLY B 52 -0.96 35.64 28.85
C GLY B 52 0.49 35.75 29.30
N GLU B 53 0.73 35.23 30.50
CA GLU B 53 2.05 35.23 31.14
C GLU B 53 2.24 33.91 31.86
N GLY B 54 3.44 33.34 31.75
CA GLY B 54 3.81 32.13 32.49
C GLY B 54 3.03 30.88 32.13
N LYS B 55 2.88 29.99 33.12
CA LYS B 55 2.12 28.76 32.98
C LYS B 55 0.64 29.03 33.31
N GLN B 56 -0.24 28.89 32.30
CA GLN B 56 -1.68 29.18 32.47
C GLN B 56 -2.60 28.14 31.82
N TYR B 57 -3.74 27.87 32.45
CA TYR B 57 -4.83 27.14 31.81
C TYR B 57 -5.58 28.14 30.92
N VAL B 58 -5.86 27.72 29.69
CA VAL B 58 -6.62 28.52 28.73
C VAL B 58 -7.80 27.70 28.22
N ASN B 59 -8.96 28.34 28.10
CA ASN B 59 -10.17 27.70 27.61
C ASN B 59 -10.44 28.01 26.15
N ILE B 60 -10.68 26.95 25.39
CA ILE B 60 -11.07 27.05 23.99
C ILE B 60 -12.53 26.69 23.83
N THR B 61 -13.33 27.64 23.37
CA THR B 61 -14.75 27.47 23.21
C THR B 61 -15.11 27.43 21.73
N VAL B 62 -16.01 26.52 21.38
CA VAL B 62 -16.66 26.51 20.05
C VAL B 62 -18.15 26.74 20.12
N GLU B 63 -18.64 27.56 19.20
CA GLU B 63 -20.06 27.75 18.99
C GLU B 63 -20.66 26.48 18.41
N ALA B 64 -21.98 26.35 18.53
CA ALA B 64 -22.69 25.24 17.91
C ALA B 64 -22.48 25.27 16.40
N ASN B 65 -22.32 24.09 15.80
CA ASN B 65 -22.18 23.94 14.35
C ASN B 65 -23.48 23.46 13.73
N ASP B 66 -24.22 24.39 13.11
CA ASP B 66 -25.51 24.09 12.46
C ASP B 66 -25.37 24.02 10.93
N THR B 67 -24.13 24.04 10.46
CA THR B 67 -23.85 24.09 9.02
C THR B 67 -24.03 22.75 8.31
N GLN B 68 -24.15 21.68 9.07
CA GLN B 68 -24.36 20.31 8.51
C GLN B 68 -23.10 19.81 7.80
N LYS B 69 -21.98 20.43 8.11
CA LYS B 69 -20.66 20.09 7.56
C LYS B 69 -19.58 20.20 8.65
N GLU B 70 -18.61 19.30 8.60
CA GLU B 70 -17.41 19.39 9.40
C GLU B 70 -16.70 20.70 9.10
N ARG B 71 -16.16 21.32 10.14
CA ARG B 71 -15.42 22.58 9.97
C ARG B 71 -14.17 22.60 10.80
N THR B 72 -13.20 23.39 10.36
CA THR B 72 -11.92 23.45 11.03
C THR B 72 -11.45 24.87 11.28
N ALA B 73 -10.61 24.98 12.30
CA ALA B 73 -9.99 26.23 12.67
C ALA B 73 -8.60 25.97 13.24
N THR B 74 -7.81 27.03 13.33
CA THR B 74 -6.54 26.97 14.04
C THR B 74 -6.53 27.95 15.21
N VAL B 75 -5.69 27.63 16.19
CA VAL B 75 -5.42 28.49 17.34
C VAL B 75 -3.91 28.63 17.36
N THR B 76 -3.44 29.86 17.19
CA THR B 76 -2.01 30.13 17.14
C THR B 76 -1.51 30.76 18.47
N VAL B 77 -0.55 30.08 19.06
CA VAL B 77 0.14 30.48 20.27
C VAL B 77 1.51 31.00 19.86
N SER B 78 1.79 32.24 20.26
CA SER B 78 3.06 32.89 19.89
C SER B 78 3.71 33.62 21.08
N ALA B 79 5.00 33.82 20.98
CA ALA B 79 5.74 34.61 21.95
C ALA B 79 7.03 35.11 21.34
N SER B 80 7.50 36.25 21.83
CA SER B 80 8.84 36.73 21.47
C SER B 80 9.90 35.68 21.76
N GLY B 81 10.74 35.41 20.78
CA GLY B 81 11.85 34.46 20.94
C GLY B 81 11.51 32.98 20.86
N ALA B 82 10.27 32.69 20.44
CA ALA B 82 9.80 31.32 20.36
C ALA B 82 9.15 31.06 18.99
N PRO B 83 9.25 29.81 18.50
CA PRO B 83 8.46 29.53 17.30
C PRO B 83 6.96 29.49 17.62
N ASP B 84 6.15 29.79 16.61
CA ASP B 84 4.70 29.63 16.74
C ASP B 84 4.36 28.17 17.04
N ILE B 85 3.29 28.02 17.82
CA ILE B 85 2.64 26.72 18.03
C ILE B 85 1.21 26.83 17.49
N ILE B 86 0.91 25.96 16.52
CA ILE B 86 -0.36 26.01 15.80
C ILE B 86 -1.19 24.80 16.22
N ILE B 87 -2.23 25.07 17.00
CA ILE B 87 -3.20 24.07 17.43
C ILE B 87 -4.32 23.91 16.40
N ASN B 88 -4.60 22.66 16.05
CA ASN B 88 -5.71 22.35 15.15
C ASN B 88 -6.98 22.10 15.94
N VAL B 89 -8.07 22.68 15.46
CA VAL B 89 -9.41 22.49 16.03
C VAL B 89 -10.34 21.96 14.95
N LYS B 90 -10.97 20.83 15.23
CA LYS B 90 -11.93 20.24 14.32
C LYS B 90 -13.27 20.11 15.03
N GLN B 91 -14.32 20.51 14.35
CA GLN B 91 -15.69 20.42 14.86
C GLN B 91 -16.57 19.62 13.91
N SER B 92 -17.13 18.52 14.41
CA SER B 92 -17.97 17.67 13.57
C SER B 92 -19.38 18.24 13.35
N LEU B 93 -20.13 17.58 12.47
CA LEU B 93 -21.55 17.92 12.23
C LEU B 93 -22.51 17.12 13.12
N TYR B 94 -21.97 16.21 13.91
CA TYR B 94 -22.80 15.28 14.70
C TYR B 94 -22.82 15.75 16.14
N SER B 95 -23.93 15.48 16.81
CA SER B 95 -24.00 15.75 18.23
C SER B 95 -24.71 14.64 18.97
N VAL B 96 -24.39 14.52 20.27
CA VAL B 96 -25.08 13.60 21.14
C VAL B 96 -26.45 14.22 21.39
N PRO B 97 -27.51 13.48 21.08
CA PRO B 97 -28.84 14.03 21.29
C PRO B 97 -29.28 14.07 22.73
N ALA B 98 -30.32 14.86 22.97
CA ALA B 98 -30.91 15.01 24.28
C ALA B 98 -32.21 14.20 24.24
N TYR B 99 -32.21 13.07 24.93
CA TYR B 99 -33.37 12.18 25.04
C TYR B 99 -34.14 12.41 26.33
N ASP B 100 -35.47 12.34 26.26
CA ASP B 100 -36.32 12.44 27.46
C ASP B 100 -35.99 11.34 28.45
N GLU B 101 -35.59 10.18 27.90
CA GLU B 101 -35.30 8.98 28.68
C GLU B 101 -33.94 8.96 29.39
N TYR B 102 -33.12 9.97 29.11
CA TYR B 102 -31.77 10.06 29.64
C TYR B 102 -31.79 9.98 31.18
N ILE B 103 -30.87 9.18 31.72
CA ILE B 103 -30.52 9.22 33.15
C ILE B 103 -29.03 9.55 33.27
N ALA B 104 -28.63 10.12 34.41
CA ALA B 104 -27.27 10.57 34.59
C ALA B 104 -26.28 9.40 34.52
N PRO B 105 -25.02 9.70 34.17
CA PRO B 105 -24.04 8.61 34.15
C PRO B 105 -23.96 7.83 35.46
N ASP B 106 -23.69 6.53 35.34
CA ASP B 106 -23.61 5.62 36.48
C ASP B 106 -22.45 4.68 36.20
N ASN B 107 -21.45 4.71 37.07
CA ASN B 107 -20.30 3.82 36.92
C ASN B 107 -20.37 2.52 37.72
N THR B 108 -21.53 2.25 38.29
CA THR B 108 -21.74 1.01 39.05
C THR B 108 -21.54 -0.17 38.13
N GLY B 109 -20.62 -1.07 38.50
CA GLY B 109 -20.31 -2.25 37.67
C GLY B 109 -19.50 -1.95 36.42
N MET B 110 -19.06 -0.69 36.30
CA MET B 110 -18.29 -0.24 35.15
C MET B 110 -16.88 0.06 35.65
N ARG B 111 -16.05 -0.96 35.57
CA ARG B 111 -14.68 -0.89 36.08
C ARG B 111 -13.87 0.21 35.42
N ASP B 112 -12.88 0.75 36.13
CA ASP B 112 -11.98 1.77 35.61
C ASP B 112 -10.90 1.06 34.77
N LEU B 113 -11.32 0.59 33.61
CA LEU B 113 -10.49 -0.12 32.63
C LEU B 113 -10.70 0.53 31.27
N THR B 114 -9.62 0.87 30.61
CA THR B 114 -9.71 1.25 29.21
C THR B 114 -10.17 0.06 28.38
N SER B 115 -10.68 0.33 27.18
CA SER B 115 -11.02 -0.77 26.31
C SER B 115 -9.80 -1.64 26.00
N MET B 116 -8.63 -1.01 25.90
CA MET B 116 -7.39 -1.81 25.70
C MET B 116 -7.16 -2.78 26.87
N GLN B 117 -7.35 -2.29 28.09
CA GLN B 117 -7.22 -3.15 29.28
C GLN B 117 -8.27 -4.24 29.30
N LEU B 118 -9.52 -3.88 28.96
CA LEU B 118 -10.56 -4.88 28.90
C LEU B 118 -10.28 -5.98 27.88
N SER B 119 -9.73 -5.58 26.73
CA SER B 119 -9.38 -6.49 25.64
CA SER B 119 -9.45 -6.52 25.65
C SER B 119 -8.51 -7.63 26.14
N ALA B 120 -7.57 -7.30 27.01
CA ALA B 120 -6.65 -8.31 27.56
C ALA B 120 -7.35 -9.39 28.42
N LEU B 121 -8.47 -9.02 29.04
CA LEU B 121 -9.27 -9.95 29.85
C LEU B 121 -10.17 -10.84 29.01
N MET B 122 -10.45 -10.35 27.82
CA MET B 122 -11.49 -10.98 26.99
C MET B 122 -10.95 -12.20 26.27
N LYS B 123 -9.75 -12.03 25.74
CA LYS B 123 -8.94 -13.10 25.22
C LYS B 123 -9.28 -13.74 23.87
N ALA B 124 -10.29 -14.61 23.91
CA ALA B 124 -10.78 -15.31 22.74
C ALA B 124 -12.25 -15.71 22.91
N GLY B 125 -12.89 -15.95 21.79
CA GLY B 125 -14.30 -16.23 21.84
C GLY B 125 -14.84 -16.89 20.62
N VAL B 126 -16.16 -16.94 20.59
CA VAL B 126 -16.94 -17.61 19.54
CA VAL B 126 -16.93 -17.57 19.52
C VAL B 126 -18.19 -16.76 19.22
N ASN B 127 -18.70 -16.88 18.01
CA ASN B 127 -19.97 -16.33 17.61
C ASN B 127 -21.06 -17.39 17.78
N VAL B 128 -22.25 -16.92 18.13
CA VAL B 128 -23.47 -17.72 18.06
C VAL B 128 -24.16 -17.33 16.72
N GLY B 129 -23.58 -17.79 15.63
CA GLY B 129 -23.96 -17.35 14.30
C GLY B 129 -25.19 -18.08 13.79
N ASN B 130 -25.78 -17.44 12.77
CA ASN B 130 -26.97 -17.97 12.05
C ASN B 130 -28.08 -18.30 13.01
N THR B 131 -28.23 -17.43 14.01
CA THR B 131 -29.20 -17.64 15.08
C THR B 131 -30.09 -16.38 15.23
N PHE B 132 -29.82 -15.50 16.18
CA PHE B 132 -30.68 -14.33 16.37
C PHE B 132 -30.71 -13.39 15.17
N GLU B 133 -29.71 -13.45 14.30
CA GLU B 133 -29.70 -12.65 13.07
C GLU B 133 -30.37 -13.33 11.87
N ALA B 134 -30.85 -14.55 12.05
CA ALA B 134 -31.48 -15.31 10.96
C ALA B 134 -32.79 -14.62 10.55
N VAL B 135 -32.91 -14.37 9.24
CA VAL B 135 -34.08 -13.76 8.67
C VAL B 135 -34.45 -14.48 7.38
N ILE B 136 -35.74 -14.56 7.11
CA ILE B 136 -36.27 -15.04 5.81
C ILE B 136 -36.54 -13.80 4.96
N VAL B 137 -35.87 -13.71 3.83
CA VAL B 137 -35.98 -12.54 2.96
C VAL B 137 -36.84 -12.85 1.76
N GLY B 138 -37.96 -12.15 1.67
CA GLY B 138 -38.89 -12.33 0.53
C GLY B 138 -38.34 -11.73 -0.74
N ASN B 139 -38.92 -12.09 -1.88
CA ASN B 139 -38.53 -11.48 -3.16
C ASN B 139 -38.53 -9.94 -3.14
N ASP B 140 -39.53 -9.37 -2.48
CA ASP B 140 -39.68 -7.91 -2.32
C ASP B 140 -38.76 -7.26 -1.24
N GLY B 141 -37.98 -8.08 -0.55
CA GLY B 141 -37.06 -7.58 0.49
C GLY B 141 -37.66 -7.58 1.87
N SER B 142 -38.92 -8.00 1.97
CA SER B 142 -39.60 -8.09 3.27
C SER B 142 -39.02 -9.21 4.12
N LEU B 143 -39.01 -8.97 5.42
CA LEU B 143 -38.36 -9.85 6.38
C LEU B 143 -39.33 -10.58 7.28
N SER B 144 -39.08 -11.86 7.48
CA SER B 144 -39.79 -12.69 8.46
C SER B 144 -38.82 -13.64 9.15
N GLY B 145 -39.37 -14.55 9.96
CA GLY B 145 -38.58 -15.54 10.67
C GLY B 145 -38.34 -15.19 12.12
N ASP B 146 -37.41 -15.93 12.71
CA ASP B 146 -37.04 -15.84 14.13
C ASP B 146 -35.68 -16.53 14.27
N GLU B 147 -35.23 -16.75 15.49
CA GLU B 147 -33.85 -17.20 15.71
C GLU B 147 -33.60 -18.65 15.28
N THR B 148 -34.68 -19.38 14.96
CA THR B 148 -34.60 -20.77 14.55
C THR B 148 -34.71 -20.97 13.04
N CYS B 149 -34.90 -19.88 12.30
CA CYS B 149 -35.29 -19.99 10.88
C CYS B 149 -34.17 -20.38 9.92
N TRP B 150 -32.92 -20.35 10.39
CA TRP B 150 -31.82 -20.94 9.63
C TRP B 150 -31.32 -22.26 10.21
N GLY B 151 -32.12 -22.89 11.08
CA GLY B 151 -31.84 -24.24 11.51
C GLY B 151 -31.20 -24.45 12.86
N ASN B 152 -30.89 -23.37 13.56
CA ASN B 152 -30.35 -23.49 14.91
C ASN B 152 -31.46 -23.44 15.98
N PRO B 153 -31.23 -24.09 17.13
CA PRO B 153 -32.14 -23.95 18.25
C PRO B 153 -31.90 -22.63 18.97
N THR B 154 -32.81 -22.25 19.85
CA THR B 154 -32.60 -21.09 20.68
C THR B 154 -31.38 -21.31 21.58
N PRO B 155 -30.47 -20.32 21.65
CA PRO B 155 -29.35 -20.44 22.57
C PRO B 155 -29.83 -20.68 24.01
N ASN B 156 -29.08 -21.53 24.70
CA ASN B 156 -29.49 -21.97 26.03
C ASN B 156 -28.30 -21.95 27.04
N LYS B 157 -28.63 -22.21 28.29
CA LYS B 157 -27.69 -22.21 29.39
C LYS B 157 -26.55 -23.19 29.17
N VAL B 158 -26.90 -24.42 28.78
CA VAL B 158 -25.85 -25.45 28.65
C VAL B 158 -24.88 -25.12 27.49
N LEU B 159 -25.37 -24.43 26.45
CA LEU B 159 -24.50 -24.02 25.35
C LEU B 159 -23.49 -23.00 25.87
N PHE B 160 -23.96 -22.00 26.59
CA PHE B 160 -23.03 -20.96 27.08
C PHE B 160 -22.06 -21.53 28.12
N GLU B 161 -22.55 -22.45 28.94
CA GLU B 161 -21.68 -23.10 29.90
C GLU B 161 -20.62 -23.94 29.19
N GLY B 162 -21.01 -24.59 28.09
CA GLY B 162 -20.05 -25.38 27.32
C GLY B 162 -18.98 -24.54 26.65
N ILE B 163 -19.40 -23.39 26.12
CA ILE B 163 -18.47 -22.42 25.55
C ILE B 163 -17.43 -21.96 26.59
N LYS B 164 -17.91 -21.57 27.75
CA LYS B 164 -17.02 -21.17 28.85
C LYS B 164 -16.08 -22.31 29.26
N ALA B 165 -16.64 -23.50 29.44
CA ALA B 165 -15.84 -24.64 29.90
C ALA B 165 -14.71 -25.05 28.93
N ALA B 166 -14.92 -24.77 27.65
CA ALA B 166 -13.92 -25.06 26.63
C ALA B 166 -12.72 -24.10 26.63
N GLY B 167 -12.86 -22.98 27.32
CA GLY B 167 -11.79 -22.02 27.46
C GLY B 167 -12.04 -20.69 26.78
N PHE B 168 -13.27 -20.49 26.27
CA PHE B 168 -13.63 -19.21 25.68
C PHE B 168 -14.19 -18.24 26.72
N ASP B 169 -13.86 -16.98 26.58
CA ASP B 169 -14.27 -15.97 27.55
C ASP B 169 -15.26 -14.92 27.01
N VAL B 170 -15.49 -14.95 25.68
CA VAL B 170 -16.34 -13.95 25.00
CA VAL B 170 -16.39 -13.97 25.07
C VAL B 170 -17.27 -14.65 24.00
N VAL B 171 -18.53 -14.21 23.93
CA VAL B 171 -19.43 -14.62 22.86
C VAL B 171 -19.95 -13.38 22.15
N ARG B 172 -19.93 -13.45 20.82
CA ARG B 172 -20.58 -12.47 19.95
C ARG B 172 -21.89 -13.08 19.52
N ILE B 173 -22.97 -12.32 19.72
CA ILE B 173 -24.32 -12.75 19.40
C ILE B 173 -24.84 -11.79 18.35
N PRO B 174 -24.71 -12.15 17.06
CA PRO B 174 -25.35 -11.34 16.04
C PRO B 174 -26.89 -11.30 16.26
N VAL B 175 -27.48 -10.14 16.05
CA VAL B 175 -28.94 -10.02 16.23
C VAL B 175 -29.57 -9.25 15.08
N ALA B 176 -30.73 -9.77 14.65
CA ALA B 176 -31.62 -9.07 13.75
C ALA B 176 -32.82 -8.58 14.57
N TYR B 177 -33.35 -7.43 14.16
CA TYR B 177 -34.56 -6.82 14.75
C TYR B 177 -35.63 -6.39 13.72
N SER B 178 -35.22 -6.17 12.48
CA SER B 178 -36.09 -5.57 11.47
C SER B 178 -37.16 -6.52 10.93
N HIS B 179 -37.09 -7.78 11.31
CA HIS B 179 -38.15 -8.77 11.06
C HIS B 179 -39.16 -8.85 12.20
N GLN B 180 -38.96 -8.03 13.24
CA GLN B 180 -39.77 -8.08 14.46
C GLN B 180 -40.26 -6.69 14.88
N PHE B 181 -40.55 -5.83 13.90
CA PHE B 181 -41.13 -4.54 14.17
C PHE B 181 -42.63 -4.64 14.49
N GLU B 182 -43.02 -3.96 15.56
CA GLU B 182 -44.43 -3.76 15.95
C GLU B 182 -45.00 -2.69 15.05
N ASP B 183 -44.20 -1.65 14.83
CA ASP B 183 -44.52 -0.58 13.89
C ASP B 183 -43.35 -0.30 12.97
N ALA B 184 -43.51 -0.70 11.70
CA ALA B 184 -42.42 -0.60 10.73
C ALA B 184 -41.97 0.85 10.46
N ALA B 185 -42.94 1.75 10.36
CA ALA B 185 -42.65 3.14 9.99
C ALA B 185 -41.75 3.87 11.01
N THR B 186 -41.95 3.54 12.29
CA THR B 186 -41.15 4.15 13.37
C THR B 186 -40.02 3.24 13.89
N TYR B 187 -39.91 2.05 13.29
CA TYR B 187 -38.87 1.08 13.67
C TYR B 187 -39.06 0.54 15.09
N LYS B 188 -40.29 0.53 15.58
CA LYS B 188 -40.57 0.11 16.95
C LYS B 188 -40.50 -1.40 17.02
N ILE B 189 -39.58 -1.92 17.84
CA ILE B 189 -39.34 -3.35 17.97
C ILE B 189 -40.27 -4.00 19.00
N LYS B 190 -40.82 -5.16 18.63
CA LYS B 190 -41.69 -5.94 19.52
C LYS B 190 -40.98 -6.27 20.84
N SER B 191 -41.62 -5.93 21.95
CA SER B 191 -41.06 -6.22 23.26
CA SER B 191 -41.07 -6.23 23.26
C SER B 191 -40.81 -7.74 23.45
N ALA B 192 -41.67 -8.57 22.88
CA ALA B 192 -41.50 -10.03 23.03
C ALA B 192 -40.20 -10.52 22.39
N TRP B 193 -39.81 -9.91 21.30
CA TRP B 193 -38.53 -10.25 20.64
C TRP B 193 -37.36 -9.78 21.50
N MET B 194 -37.44 -8.54 21.95
CA MET B 194 -36.42 -7.98 22.84
CA MET B 194 -36.41 -7.99 22.84
C MET B 194 -36.25 -8.88 24.08
N ASP B 195 -37.36 -9.39 24.59
CA ASP B 195 -37.31 -10.32 25.73
C ASP B 195 -36.46 -11.58 25.44
N LYS B 196 -36.61 -12.14 24.25
CA LYS B 196 -35.88 -13.31 23.85
C LYS B 196 -34.36 -13.03 23.71
N VAL B 197 -34.04 -11.89 23.14
CA VAL B 197 -32.63 -11.47 23.01
C VAL B 197 -32.01 -11.30 24.40
N GLU B 198 -32.75 -10.59 25.24
CA GLU B 198 -32.30 -10.35 26.63
C GLU B 198 -32.08 -11.66 27.41
N ALA B 199 -32.98 -12.63 27.24
CA ALA B 199 -32.85 -13.89 27.93
C ALA B 199 -31.55 -14.61 27.53
N ALA B 200 -31.19 -14.53 26.24
CA ALA B 200 -29.95 -15.15 25.77
C ALA B 200 -28.73 -14.42 26.33
N VAL B 201 -28.78 -13.10 26.30
CA VAL B 201 -27.71 -12.26 26.87
C VAL B 201 -27.48 -12.62 28.35
N LYS B 202 -28.58 -12.70 29.08
CA LYS B 202 -28.51 -12.99 30.51
C LYS B 202 -27.92 -14.40 30.74
N ALA B 203 -28.34 -15.36 29.92
CA ALA B 203 -27.81 -16.71 30.04
C ALA B 203 -26.30 -16.74 29.81
N ALA B 204 -25.82 -15.99 28.83
CA ALA B 204 -24.41 -15.97 28.52
C ALA B 204 -23.62 -15.28 29.63
N LEU B 205 -24.14 -14.15 30.10
CA LEU B 205 -23.47 -13.44 31.19
C LEU B 205 -23.42 -14.33 32.46
N ASP B 206 -24.53 -15.00 32.74
CA ASP B 206 -24.62 -15.87 33.92
C ASP B 206 -23.62 -17.06 33.86
N ALA B 207 -23.27 -17.46 32.65
CA ALA B 207 -22.28 -18.53 32.40
C ALA B 207 -20.84 -18.03 32.55
N GLY B 208 -20.66 -16.72 32.73
CA GLY B 208 -19.31 -16.15 33.00
C GLY B 208 -18.63 -15.58 31.78
N LEU B 209 -19.41 -15.35 30.72
CA LEU B 209 -18.87 -14.82 29.48
C LEU B 209 -19.04 -13.30 29.35
N TYR B 210 -18.09 -12.65 28.67
CA TYR B 210 -18.36 -11.35 28.08
C TYR B 210 -19.29 -11.54 26.89
N VAL B 211 -20.19 -10.59 26.67
CA VAL B 211 -21.17 -10.69 25.59
C VAL B 211 -21.11 -9.46 24.72
N ILE B 212 -21.12 -9.69 23.40
CA ILE B 212 -21.24 -8.61 22.40
C ILE B 212 -22.55 -8.84 21.63
N ILE B 213 -23.41 -7.81 21.60
CA ILE B 213 -24.59 -7.82 20.71
C ILE B 213 -24.46 -6.74 19.65
N ASN B 214 -25.01 -7.02 18.46
CA ASN B 214 -24.96 -6.03 17.37
C ASN B 214 -26.31 -5.85 16.72
N ILE B 215 -26.33 -5.09 15.63
CA ILE B 215 -27.39 -5.17 14.62
C ILE B 215 -26.64 -5.71 13.39
N HIS B 216 -27.09 -6.85 12.90
CA HIS B 216 -26.36 -7.60 11.85
C HIS B 216 -26.90 -7.20 10.48
N TRP B 217 -26.62 -8.01 9.49
CA TRP B 217 -26.94 -7.73 8.09
C TRP B 217 -28.45 -7.53 7.88
N GLU B 218 -29.22 -8.52 8.32
CA GLU B 218 -30.71 -8.52 8.27
C GLU B 218 -31.29 -7.92 6.98
N GLY B 219 -30.82 -8.47 5.87
CA GLY B 219 -31.33 -8.10 4.53
C GLY B 219 -30.55 -7.02 3.81
N GLY B 220 -29.63 -6.34 4.49
CA GLY B 220 -28.75 -5.38 3.86
C GLY B 220 -29.24 -3.95 3.73
N TRP B 221 -30.27 -3.60 4.51
CA TRP B 221 -30.80 -2.23 4.46
C TRP B 221 -29.78 -1.12 4.66
N LEU B 222 -28.72 -1.40 5.44
CA LEU B 222 -27.74 -0.38 5.79
C LEU B 222 -26.67 -0.20 4.69
N ASN B 223 -26.70 -1.07 3.67
CA ASN B 223 -25.62 -1.13 2.68
C ASN B 223 -25.82 -0.10 1.54
N HIS B 224 -26.03 1.16 1.92
CA HIS B 224 -26.20 2.27 1.00
C HIS B 224 -25.49 3.50 1.55
N PRO B 225 -24.15 3.45 1.66
CA PRO B 225 -23.37 4.53 2.26
C PRO B 225 -23.17 5.68 1.27
N VAL B 226 -24.27 6.36 0.98
CA VAL B 226 -24.27 7.48 0.03
C VAL B 226 -25.14 8.60 0.56
N ASP B 227 -24.83 9.79 0.11
CA ASP B 227 -25.48 10.98 0.63
C ASP B 227 -27.01 10.95 0.46
N ALA B 228 -27.50 10.38 -0.64
CA ALA B 228 -28.93 10.36 -0.91
C ALA B 228 -29.69 9.53 0.11
N ASN B 229 -29.03 8.56 0.74
CA ASN B 229 -29.68 7.67 1.71
C ASN B 229 -29.24 7.90 3.17
N LYS B 230 -28.25 8.76 3.35
CA LYS B 230 -27.65 9.00 4.68
C LYS B 230 -28.69 9.40 5.73
N GLU B 231 -29.56 10.36 5.43
CA GLU B 231 -30.52 10.85 6.45
C GLU B 231 -31.42 9.72 6.95
N ALA B 232 -31.97 8.96 6.02
CA ALA B 232 -32.89 7.86 6.34
C ALA B 232 -32.19 6.75 7.12
N LEU B 233 -30.98 6.43 6.71
CA LEU B 233 -30.23 5.35 7.33
CA LEU B 233 -30.25 5.33 7.34
C LEU B 233 -29.77 5.72 8.74
N ASP B 234 -29.24 6.95 8.86
CA ASP B 234 -28.82 7.50 10.18
C ASP B 234 -30.02 7.51 11.17
N GLU B 235 -31.19 7.95 10.68
CA GLU B 235 -32.42 8.01 11.51
C GLU B 235 -32.86 6.61 11.97
N ARG B 236 -32.79 5.64 11.06
CA ARG B 236 -33.17 4.28 11.38
C ARG B 236 -32.21 3.65 12.39
N LEU B 237 -30.93 3.79 12.11
CA LEU B 237 -29.90 3.23 12.98
C LEU B 237 -30.08 3.77 14.41
N GLU B 238 -30.30 5.08 14.52
CA GLU B 238 -30.54 5.72 15.82
C GLU B 238 -31.79 5.19 16.47
N ALA B 239 -32.88 5.14 15.73
CA ALA B 239 -34.16 4.67 16.30
C ALA B 239 -34.06 3.25 16.86
N MET B 240 -33.34 2.37 16.16
CA MET B 240 -33.15 0.99 16.59
C MET B 240 -32.23 0.92 17.83
N TRP B 241 -31.06 1.55 17.72
CA TRP B 241 -30.11 1.52 18.85
C TRP B 241 -30.68 2.18 20.09
N LYS B 242 -31.50 3.20 19.94
CA LYS B 242 -32.07 3.84 21.14
C LYS B 242 -32.85 2.79 21.96
N GLN B 243 -33.65 1.99 21.29
CA GLN B 243 -34.43 0.94 21.93
C GLN B 243 -33.55 -0.12 22.56
N ILE B 244 -32.55 -0.57 21.81
CA ILE B 244 -31.69 -1.64 22.31
C ILE B 244 -30.89 -1.13 23.52
N ALA B 245 -30.31 0.07 23.36
CA ALA B 245 -29.51 0.67 24.42
C ALA B 245 -30.37 0.84 25.68
N LEU B 246 -31.63 1.29 25.56
CA LEU B 246 -32.46 1.48 26.75
C LEU B 246 -32.80 0.14 27.41
N ARG B 247 -33.04 -0.90 26.62
CA ARG B 247 -33.35 -2.21 27.19
C ARG B 247 -32.21 -2.74 28.06
N PHE B 248 -31.00 -2.54 27.57
CA PHE B 248 -29.79 -3.12 28.17
C PHE B 248 -28.97 -2.14 29.04
N ARG B 249 -29.56 -0.98 29.32
CA ARG B 249 -28.83 0.12 29.99
C ARG B 249 -28.21 -0.25 31.33
N ASP B 250 -28.89 -1.08 32.11
CA ASP B 250 -28.46 -1.38 33.47
C ASP B 250 -27.49 -2.55 33.63
N TYR B 251 -27.12 -3.17 32.51
CA TYR B 251 -26.14 -4.22 32.52
C TYR B 251 -24.73 -3.66 32.76
N ASP B 252 -23.89 -4.48 33.40
CA ASP B 252 -22.56 -4.04 33.71
C ASP B 252 -21.58 -4.14 32.53
N ASP B 253 -20.28 -3.93 32.80
CA ASP B 253 -19.30 -3.79 31.71
C ASP B 253 -18.96 -5.06 30.98
N ARG B 254 -19.56 -6.18 31.40
CA ARG B 254 -19.37 -7.46 30.69
C ARG B 254 -20.21 -7.53 29.39
N LEU B 255 -21.14 -6.60 29.24
CA LEU B 255 -21.95 -6.46 28.01
C LEU B 255 -21.45 -5.30 27.19
N LEU B 256 -21.11 -5.60 25.95
CA LEU B 256 -20.61 -4.63 24.96
C LEU B 256 -21.63 -4.54 23.81
N PHE B 257 -21.70 -3.37 23.19
CA PHE B 257 -22.53 -3.18 21.99
C PHE B 257 -21.63 -2.94 20.78
N ALA B 258 -22.02 -3.55 19.65
CA ALA B 258 -21.33 -3.37 18.36
C ALA B 258 -22.37 -2.83 17.34
N GLY B 259 -22.09 -1.67 16.77
CA GLY B 259 -23.10 -0.87 16.12
C GLY B 259 -23.66 -1.46 14.84
N THR B 260 -22.78 -2.05 14.03
CA THR B 260 -23.07 -2.52 12.67
C THR B 260 -22.30 -3.81 12.44
N ASN B 261 -22.55 -4.40 11.27
CA ASN B 261 -21.80 -5.56 10.86
C ASN B 261 -20.84 -5.17 9.71
N GLU B 262 -21.13 -5.61 8.48
CA GLU B 262 -20.26 -5.41 7.31
C GLU B 262 -20.92 -4.41 6.34
N VAL B 263 -20.69 -3.12 6.57
CA VAL B 263 -21.34 -2.11 5.76
C VAL B 263 -20.56 -1.95 4.46
N ASN B 264 -21.29 -1.93 3.37
CA ASN B 264 -20.69 -1.69 2.06
C ASN B 264 -21.75 -1.10 1.14
N ASN B 265 -21.41 -0.80 -0.10
CA ASN B 265 -22.35 -0.27 -1.07
C ASN B 265 -22.87 -1.44 -1.87
N ASP B 266 -24.11 -1.85 -1.63
CA ASP B 266 -24.73 -3.00 -2.34
CA ASP B 266 -24.61 -3.04 -2.34
C ASP B 266 -24.68 -2.79 -3.88
N ASP B 267 -24.56 -1.53 -4.33
CA ASP B 267 -24.38 -1.16 -5.80
C ASP B 267 -22.92 -0.86 -6.28
N ALA B 268 -21.93 -1.22 -5.47
CA ALA B 268 -20.52 -0.94 -5.77
C ALA B 268 -20.12 -1.35 -7.19
N ASN B 269 -20.64 -2.50 -7.63
CA ASN B 269 -20.29 -3.07 -8.91
C ASN B 269 -18.77 -3.19 -9.07
N GLY B 270 -18.11 -3.51 -7.97
CA GLY B 270 -16.65 -3.67 -7.95
C GLY B 270 -15.85 -2.38 -7.98
N ALA B 271 -16.52 -1.25 -7.89
CA ALA B 271 -15.82 0.04 -7.75
C ALA B 271 -15.12 0.11 -6.39
N GLN B 272 -14.03 0.89 -6.36
CA GLN B 272 -13.37 1.26 -5.09
C GLN B 272 -14.36 2.05 -4.28
N PRO B 273 -14.52 1.75 -2.97
CA PRO B 273 -15.33 2.70 -2.27
C PRO B 273 -14.77 4.10 -2.38
N THR B 274 -15.66 5.07 -2.50
CA THR B 274 -15.27 6.45 -2.65
C THR B 274 -15.15 7.18 -1.29
N GLU B 275 -14.61 8.39 -1.32
CA GLU B 275 -14.52 9.18 -0.09
C GLU B 275 -15.92 9.41 0.49
N GLU B 276 -16.92 9.51 -0.37
CA GLU B 276 -18.30 9.65 0.08
C GLU B 276 -18.74 8.42 0.87
N ASN B 277 -18.48 7.25 0.32
CA ASN B 277 -18.80 5.97 0.97
C ASN B 277 -18.15 5.86 2.34
N TYR B 278 -16.88 6.22 2.45
CA TYR B 278 -16.18 6.15 3.75
C TYR B 278 -16.74 7.18 4.71
N ARG B 279 -17.11 8.35 4.22
CA ARG B 279 -17.63 9.40 5.07
C ARG B 279 -18.95 8.98 5.67
N VAL B 280 -19.80 8.40 4.87
CA VAL B 280 -21.16 8.02 5.32
C VAL B 280 -21.07 6.82 6.26
N GLN B 281 -20.21 5.86 5.93
CA GLN B 281 -20.05 4.66 6.75
C GLN B 281 -19.38 4.99 8.09
N ASN B 282 -18.35 5.82 8.08
CA ASN B 282 -17.76 6.32 9.35
C ASN B 282 -18.87 7.04 10.16
N GLY B 283 -19.76 7.75 9.45
CA GLY B 283 -20.87 8.46 10.08
C GLY B 283 -21.80 7.49 10.80
N PHE B 284 -22.06 6.33 10.25
CA PHE B 284 -22.90 5.34 10.93
C PHE B 284 -22.32 4.95 12.29
N ASN B 285 -20.99 4.78 12.34
CA ASN B 285 -20.32 4.49 13.60
C ASN B 285 -20.53 5.63 14.61
N GLN B 286 -20.42 6.88 14.14
CA GLN B 286 -20.61 8.06 14.98
C GLN B 286 -22.06 8.12 15.50
N VAL B 287 -23.02 7.83 14.65
CA VAL B 287 -24.44 7.84 15.04
C VAL B 287 -24.72 6.80 16.11
N PHE B 288 -24.21 5.59 15.93
CA PHE B 288 -24.31 4.52 16.91
C PHE B 288 -23.77 4.97 18.27
N VAL B 289 -22.54 5.47 18.29
CA VAL B 289 -21.89 5.85 19.58
C VAL B 289 -22.75 6.95 20.25
N ASN B 290 -23.14 7.94 19.46
CA ASN B 290 -23.91 9.06 20.01
C ASN B 290 -25.24 8.62 20.59
N THR B 291 -25.89 7.69 19.91
CA THR B 291 -27.19 7.16 20.36
C THR B 291 -27.05 6.48 21.72
N VAL B 292 -26.07 5.60 21.84
CA VAL B 292 -25.86 4.86 23.07
C VAL B 292 -25.55 5.83 24.21
N ARG B 293 -24.60 6.72 23.98
CA ARG B 293 -24.19 7.69 25.04
C ARG B 293 -25.37 8.55 25.48
N ALA B 294 -26.25 8.91 24.55
CA ALA B 294 -27.41 9.75 24.82
C ALA B 294 -28.42 9.08 25.72
N THR B 295 -28.34 7.77 25.92
CA THR B 295 -29.22 7.11 26.90
C THR B 295 -28.73 7.20 28.34
N GLY B 296 -27.46 7.50 28.52
CA GLY B 296 -26.92 7.70 29.88
C GLY B 296 -26.85 6.45 30.74
N GLY B 297 -26.89 6.63 32.05
CA GLY B 297 -26.73 5.55 32.99
C GLY B 297 -25.40 4.84 32.71
N ARG B 298 -25.41 3.53 32.84
CA ARG B 298 -24.19 2.74 32.60
C ARG B 298 -23.79 2.80 31.11
N ASN B 299 -24.72 3.15 30.23
CA ASN B 299 -24.38 3.32 28.81
C ASN B 299 -23.45 4.49 28.55
N HIS B 300 -23.30 5.41 29.50
CA HIS B 300 -22.28 6.45 29.39
C HIS B 300 -20.85 5.85 29.33
N TYR B 301 -20.64 4.76 30.07
CA TYR B 301 -19.34 4.18 30.30
C TYR B 301 -19.13 2.87 29.55
N ARG B 302 -20.17 2.32 28.94
CA ARG B 302 -20.09 0.99 28.32
C ARG B 302 -19.03 0.96 27.21
N HIS B 303 -18.36 -0.19 27.08
CA HIS B 303 -17.42 -0.36 26.00
C HIS B 303 -18.20 -0.63 24.71
N LEU B 304 -17.88 0.15 23.67
CA LEU B 304 -18.60 0.10 22.39
C LEU B 304 -17.62 -0.33 21.30
N ILE B 305 -18.17 -0.98 20.26
CA ILE B 305 -17.39 -1.56 19.20
C ILE B 305 -17.89 -1.02 17.87
N VAL B 306 -17.00 -0.36 17.14
CA VAL B 306 -17.30 0.22 15.84
C VAL B 306 -16.51 -0.50 14.76
N GLN B 307 -17.05 -0.48 13.53
CA GLN B 307 -16.57 -1.34 12.44
C GLN B 307 -15.82 -0.56 11.36
N ALA B 308 -14.79 -1.21 10.84
CA ALA B 308 -14.16 -0.77 9.58
C ALA B 308 -15.16 -0.98 8.45
N TYR B 309 -14.91 -0.27 7.34
CA TYR B 309 -15.75 -0.41 6.13
C TYR B 309 -15.66 -1.87 5.68
N ASN B 310 -16.81 -2.50 5.52
CA ASN B 310 -16.90 -3.92 5.17
C ASN B 310 -16.15 -4.84 6.14
N THR B 311 -15.92 -4.33 7.35
CA THR B 311 -15.01 -4.94 8.35
C THR B 311 -13.64 -5.35 7.78
N ASP B 312 -13.20 -4.68 6.74
CA ASP B 312 -11.97 -5.06 6.07
CA ASP B 312 -11.96 -5.01 5.99
C ASP B 312 -10.74 -4.43 6.72
N VAL B 313 -9.73 -5.26 6.99
CA VAL B 313 -8.50 -4.77 7.65
C VAL B 313 -7.82 -3.65 6.87
N ALA B 314 -7.57 -3.86 5.58
CA ALA B 314 -6.90 -2.81 4.80
C ALA B 314 -7.67 -1.49 4.79
N LYS B 315 -8.99 -1.59 4.69
CA LYS B 315 -9.82 -0.39 4.72
C LYS B 315 -9.83 0.26 6.08
N ALA B 316 -9.71 -0.53 7.15
CA ALA B 316 -9.54 0.07 8.51
C ALA B 316 -8.28 0.95 8.52
N VAL B 317 -7.16 0.37 8.10
CA VAL B 317 -5.88 1.06 8.15
C VAL B 317 -5.91 2.33 7.30
N ALA B 318 -6.52 2.26 6.12
CA ALA B 318 -6.51 3.38 5.16
C ALA B 318 -7.59 4.44 5.39
N HIS B 319 -8.73 4.06 5.96
CA HIS B 319 -9.95 4.88 5.94
C HIS B 319 -10.79 4.97 7.19
N PHE B 320 -10.58 4.11 8.17
CA PHE B 320 -11.35 4.21 9.42
C PHE B 320 -10.91 5.42 10.23
N THR B 321 -11.90 6.16 10.73
CA THR B 321 -11.67 7.27 11.65
C THR B 321 -12.34 6.97 13.00
N MET B 322 -11.66 7.28 14.10
CA MET B 322 -12.24 7.10 15.42
CA MET B 322 -12.25 7.10 15.43
C MET B 322 -13.46 8.02 15.59
N PRO B 323 -14.62 7.45 15.99
CA PRO B 323 -15.73 8.36 16.33
C PRO B 323 -15.39 9.21 17.55
N LEU B 324 -15.94 10.41 17.62
CA LEU B 324 -15.84 11.23 18.81
CA LEU B 324 -15.84 11.23 18.81
C LEU B 324 -16.69 10.57 19.90
N ASP B 325 -16.14 10.50 21.10
CA ASP B 325 -16.83 9.96 22.25
C ASP B 325 -16.78 10.99 23.38
N ILE B 326 -17.72 10.85 24.30
CA ILE B 326 -17.81 11.74 25.44
C ILE B 326 -17.10 11.22 26.67
N VAL B 327 -16.69 9.95 26.62
CA VAL B 327 -15.81 9.33 27.58
C VAL B 327 -14.50 8.89 26.88
N GLN B 328 -13.44 8.83 27.65
CA GLN B 328 -12.12 8.43 27.16
C GLN B 328 -11.93 6.89 27.13
N ASN B 329 -11.38 6.42 25.99
CA ASN B 329 -10.85 5.07 25.89
C ASN B 329 -11.89 3.97 26.18
N ARG B 330 -13.08 4.11 25.57
CA ARG B 330 -14.13 3.12 25.72
CA ARG B 330 -14.14 3.13 25.71
C ARG B 330 -14.66 2.62 24.36
N ILE B 331 -13.78 2.67 23.34
CA ILE B 331 -14.14 2.18 22.00
C ILE B 331 -13.11 1.14 21.50
N PHE B 332 -13.66 0.07 20.93
CA PHE B 332 -12.92 -0.94 20.16
C PHE B 332 -13.20 -0.74 18.66
N LEU B 333 -12.20 -1.10 17.86
CA LEU B 333 -12.35 -1.35 16.42
C LEU B 333 -12.68 -2.82 16.17
N GLU B 334 -13.57 -3.08 15.23
CA GLU B 334 -13.88 -4.44 14.78
C GLU B 334 -13.56 -4.60 13.28
N CYS B 335 -12.76 -5.62 12.98
CA CYS B 335 -12.57 -6.14 11.63
C CYS B 335 -12.96 -7.64 11.60
N HIS B 336 -13.22 -8.15 10.41
CA HIS B 336 -13.41 -9.59 10.19
C HIS B 336 -12.26 -10.06 9.33
N TYR B 337 -11.91 -11.33 9.46
CA TYR B 337 -10.73 -11.85 8.73
C TYR B 337 -11.04 -13.24 8.20
N TYR B 338 -11.15 -13.31 6.86
CA TYR B 338 -11.47 -14.55 6.17
C TYR B 338 -10.45 -14.86 5.04
N ASP B 339 -9.33 -14.15 5.02
CA ASP B 339 -8.32 -14.40 3.97
C ASP B 339 -7.63 -15.75 4.22
N PRO B 340 -7.40 -16.53 3.18
CA PRO B 340 -7.83 -16.39 1.80
C PRO B 340 -9.25 -16.89 1.60
N TYR B 341 -10.07 -16.06 0.98
CA TYR B 341 -11.47 -16.34 0.78
CA TYR B 341 -11.49 -16.36 0.77
C TYR B 341 -11.71 -17.71 0.11
N ASP B 342 -10.87 -18.04 -0.87
CA ASP B 342 -11.09 -19.29 -1.63
C ASP B 342 -10.90 -20.55 -0.78
N PHE B 343 -10.16 -20.42 0.33
CA PHE B 343 -10.03 -21.48 1.34
C PHE B 343 -11.17 -21.46 2.38
N THR B 344 -11.39 -20.29 2.97
CA THR B 344 -12.25 -20.21 4.14
C THR B 344 -13.73 -20.35 3.83
N ILE B 345 -14.24 -19.55 2.89
CA ILE B 345 -15.69 -19.42 2.77
C ILE B 345 -16.26 -19.43 1.35
N MET B 346 -15.40 -19.58 0.35
CA MET B 346 -15.89 -19.77 -1.00
CA MET B 346 -15.84 -19.81 -1.03
C MET B 346 -16.82 -20.99 -1.08
N PRO B 347 -17.93 -20.86 -1.82
CA PRO B 347 -18.86 -21.98 -1.89
C PRO B 347 -18.30 -23.27 -2.50
N ASN B 348 -18.99 -24.36 -2.19
CA ASN B 348 -18.58 -25.69 -2.61
C ASN B 348 -18.80 -26.03 -4.10
N ASP B 349 -19.53 -25.16 -4.80
CA ASP B 349 -19.75 -25.26 -6.25
C ASP B 349 -18.89 -24.23 -7.01
N GLU B 350 -17.94 -23.59 -6.33
CA GLU B 350 -17.03 -22.62 -6.93
C GLU B 350 -15.58 -23.12 -6.77
N ASN B 351 -14.61 -22.28 -7.12
CA ASN B 351 -13.20 -22.66 -7.21
C ASN B 351 -12.47 -22.65 -5.87
N PHE B 352 -13.02 -23.39 -4.92
CA PHE B 352 -12.44 -23.43 -3.58
C PHE B 352 -11.12 -24.21 -3.56
N LYS B 353 -10.24 -23.79 -2.67
CA LYS B 353 -8.99 -24.48 -2.34
C LYS B 353 -9.23 -25.23 -1.04
N SER B 354 -8.88 -26.50 -1.06
CA SER B 354 -9.16 -27.40 0.08
C SER B 354 -8.08 -27.42 1.16
N GLN B 355 -6.90 -26.90 0.83
CA GLN B 355 -5.74 -27.01 1.71
C GLN B 355 -5.20 -25.61 2.01
N TRP B 356 -4.35 -25.55 3.03
CA TRP B 356 -3.77 -24.31 3.49
C TRP B 356 -2.42 -24.59 4.17
N GLY B 357 -1.45 -23.73 3.91
CA GLY B 357 -0.26 -23.66 4.76
C GLY B 357 0.99 -24.36 4.20
N ALA B 358 2.10 -24.12 4.87
CA ALA B 358 3.40 -24.61 4.40
C ALA B 358 3.44 -26.13 4.23
N ALA B 359 2.76 -26.85 5.14
CA ALA B 359 2.68 -28.32 5.08
C ALA B 359 2.10 -28.84 3.76
N PHE B 360 1.31 -28.01 3.08
CA PHE B 360 0.66 -28.38 1.83
C PHE B 360 1.13 -27.57 0.62
N ALA B 361 2.29 -26.92 0.77
CA ALA B 361 2.86 -26.19 -0.36
C ALA B 361 3.00 -27.14 -1.57
N GLY B 362 2.68 -26.63 -2.75
CA GLY B 362 2.68 -27.43 -3.99
C GLY B 362 1.39 -28.23 -4.21
N GLY B 363 0.53 -28.23 -3.20
CA GLY B 363 -0.78 -28.87 -3.26
C GLY B 363 -1.92 -27.91 -3.53
N ASP B 364 -3.09 -28.19 -2.98
CA ASP B 364 -4.33 -27.47 -3.31
C ASP B 364 -4.55 -26.25 -2.40
N VAL B 365 -3.54 -25.41 -2.37
CA VAL B 365 -3.50 -24.20 -1.54
C VAL B 365 -3.75 -22.93 -2.36
N SER B 366 -4.12 -21.86 -1.64
CA SER B 366 -4.40 -20.58 -2.24
C SER B 366 -3.11 -19.89 -2.61
N ALA B 367 -3.25 -18.91 -3.49
CA ALA B 367 -2.13 -18.10 -3.95
C ALA B 367 -1.84 -16.93 -3.02
N THR B 368 -2.71 -16.70 -2.07
CA THR B 368 -2.62 -15.62 -1.08
C THR B 368 -3.01 -16.20 0.28
N GLY B 369 -2.90 -15.40 1.32
CA GLY B 369 -3.42 -15.75 2.62
C GLY B 369 -2.70 -16.88 3.31
N GLN B 370 -1.47 -17.16 2.85
CA GLN B 370 -0.62 -18.12 3.58
C GLN B 370 0.04 -17.40 4.79
N GLU B 371 1.00 -18.05 5.44
CA GLU B 371 1.53 -17.58 6.71
C GLU B 371 1.99 -16.11 6.64
N GLY B 372 2.74 -15.76 5.60
CA GLY B 372 3.30 -14.40 5.54
C GLY B 372 2.23 -13.32 5.38
N ASP B 373 1.21 -13.62 4.62
CA ASP B 373 0.10 -12.71 4.42
C ASP B 373 -0.72 -12.53 5.69
N ILE B 374 -0.95 -13.62 6.43
CA ILE B 374 -1.65 -13.52 7.70
C ILE B 374 -0.86 -12.60 8.65
N GLU B 375 0.44 -12.82 8.73
CA GLU B 375 1.30 -12.01 9.58
C GLU B 375 1.23 -10.55 9.18
N ALA B 376 1.32 -10.29 7.89
CA ALA B 376 1.36 -8.90 7.42
C ALA B 376 0.02 -8.19 7.62
N THR B 377 -1.07 -8.83 7.25
CA THR B 377 -2.39 -8.18 7.41
C THR B 377 -2.71 -7.94 8.88
N LEU B 378 -2.54 -8.96 9.69
CA LEU B 378 -2.90 -8.78 11.11
C LEU B 378 -1.98 -7.82 11.83
N SER B 379 -0.70 -7.82 11.49
CA SER B 379 0.21 -6.86 12.10
C SER B 379 -0.05 -5.41 11.67
N SER B 380 -0.68 -5.21 10.52
CA SER B 380 -0.98 -3.85 10.04
C SER B 380 -1.92 -3.11 11.00
N LEU B 381 -2.63 -3.87 11.83
CA LEU B 381 -3.51 -3.31 12.84
C LEU B 381 -2.77 -2.74 14.06
N ASN B 382 -1.44 -2.86 14.08
CA ASN B 382 -0.65 -2.29 15.14
C ASN B 382 -0.77 -0.76 15.23
N VAL B 383 -1.15 -0.12 14.15
CA VAL B 383 -1.41 1.32 14.16
C VAL B 383 -2.54 1.68 15.15
N PHE B 384 -3.46 0.75 15.39
CA PHE B 384 -4.51 0.94 16.38
C PHE B 384 -3.99 0.53 17.75
N ILE B 385 -3.46 -0.69 17.83
CA ILE B 385 -3.00 -1.24 19.10
C ILE B 385 -1.96 -0.34 19.79
N ASN B 386 -0.99 0.17 19.02
CA ASN B 386 0.05 1.02 19.55
C ASN B 386 -0.42 2.43 19.91
N ASN B 387 -1.62 2.77 19.47
CA ASN B 387 -2.23 4.05 19.82
C ASN B 387 -3.41 3.82 20.80
N ASN B 388 -3.34 2.69 21.54
CA ASN B 388 -4.30 2.43 22.66
C ASN B 388 -5.74 2.18 22.20
N VAL B 389 -5.89 1.70 20.97
CA VAL B 389 -7.20 1.32 20.44
C VAL B 389 -7.20 -0.19 20.23
N PRO B 390 -8.00 -0.92 21.01
CA PRO B 390 -8.06 -2.36 20.82
C PRO B 390 -8.84 -2.77 19.59
N VAL B 391 -8.59 -4.00 19.15
CA VAL B 391 -9.18 -4.55 17.93
C VAL B 391 -9.72 -5.94 18.20
N ILE B 392 -11.01 -6.10 17.91
CA ILE B 392 -11.70 -7.40 17.88
C ILE B 392 -11.74 -7.89 16.44
N ILE B 393 -11.23 -9.10 16.23
CA ILE B 393 -11.44 -9.82 14.99
C ILE B 393 -12.76 -10.57 15.23
N GLY B 394 -13.84 -9.92 14.82
CA GLY B 394 -15.18 -10.30 15.25
C GLY B 394 -15.66 -11.57 14.64
N GLU B 395 -15.06 -11.94 13.51
CA GLU B 395 -15.31 -13.23 12.85
C GLU B 395 -14.03 -13.66 12.14
N TYR B 396 -13.78 -14.97 12.23
CA TYR B 396 -12.73 -15.66 11.42
C TYR B 396 -13.15 -17.13 11.44
N GLY B 397 -12.60 -17.89 10.48
CA GLY B 397 -12.67 -19.34 10.48
C GLY B 397 -13.06 -19.90 9.12
N PRO B 398 -12.62 -21.15 8.85
CA PRO B 398 -12.91 -21.83 7.61
C PRO B 398 -14.10 -22.74 7.73
N THR B 399 -14.86 -22.82 6.64
CA THR B 399 -15.92 -23.81 6.54
C THR B 399 -15.30 -25.21 6.60
N LEU B 400 -16.15 -26.19 6.88
CA LEU B 400 -15.74 -27.59 6.87
C LEU B 400 -16.44 -28.28 5.70
N ARG B 401 -15.65 -28.69 4.72
CA ARG B 401 -16.15 -29.22 3.45
C ARG B 401 -16.34 -30.75 3.58
N ASP B 402 -17.40 -31.10 4.32
CA ASP B 402 -17.65 -32.47 4.73
C ASP B 402 -17.95 -33.42 3.58
N GLN B 403 -18.25 -32.86 2.40
CA GLN B 403 -18.57 -33.66 1.19
C GLN B 403 -17.30 -34.28 0.59
N LEU B 404 -16.13 -33.74 0.89
CA LEU B 404 -14.89 -34.29 0.36
C LEU B 404 -14.69 -35.72 0.84
N THR B 405 -14.02 -36.52 0.03
CA THR B 405 -13.76 -37.91 0.36
C THR B 405 -12.25 -38.19 0.36
N GLY B 406 -11.88 -39.30 1.04
CA GLY B 406 -10.53 -39.85 0.96
C GLY B 406 -9.49 -38.90 1.50
N GLU B 407 -8.31 -38.94 0.89
CA GLU B 407 -7.16 -38.09 1.25
C GLU B 407 -7.49 -36.59 1.15
N ALA B 408 -8.31 -36.22 0.18
CA ALA B 408 -8.71 -34.81 0.01
C ALA B 408 -9.41 -34.32 1.28
N LEU B 409 -10.30 -35.16 1.81
CA LEU B 409 -10.96 -34.81 3.10
C LEU B 409 -9.94 -34.74 4.24
N GLU B 410 -9.10 -35.76 4.38
CA GLU B 410 -8.08 -35.79 5.47
C GLU B 410 -7.22 -34.53 5.47
N ASN B 411 -6.72 -34.19 4.28
CA ASN B 411 -5.81 -33.06 4.15
C ASN B 411 -6.52 -31.73 4.39
N HIS B 412 -7.80 -31.67 4.01
CA HIS B 412 -8.63 -30.52 4.27
C HIS B 412 -8.85 -30.30 5.76
N LEU B 413 -9.19 -31.35 6.48
CA LEU B 413 -9.43 -31.23 7.92
C LEU B 413 -8.18 -30.74 8.65
N LYS B 414 -7.02 -31.30 8.29
CA LYS B 414 -5.74 -30.89 8.88
CA LYS B 414 -5.74 -30.89 8.89
C LYS B 414 -5.47 -29.43 8.55
N SER B 415 -5.67 -29.08 7.29
CA SER B 415 -5.47 -27.69 6.82
C SER B 415 -6.29 -26.68 7.64
N ARG B 416 -7.55 -27.02 7.90
CA ARG B 416 -8.42 -26.11 8.69
C ARG B 416 -7.79 -25.85 10.07
N ASN B 417 -7.30 -26.90 10.72
CA ASN B 417 -6.79 -26.75 12.06
C ASN B 417 -5.44 -26.04 12.06
N ASP B 418 -4.61 -26.32 11.05
CA ASP B 418 -3.35 -25.57 10.90
C ASP B 418 -3.64 -24.08 10.74
N TYR B 419 -4.65 -23.78 9.92
CA TYR B 419 -5.03 -22.39 9.62
C TYR B 419 -5.57 -21.67 10.85
N ILE B 420 -6.48 -22.35 11.55
CA ILE B 420 -7.12 -21.80 12.76
C ILE B 420 -6.05 -21.47 13.80
N GLU B 421 -5.14 -22.42 14.07
CA GLU B 421 -4.07 -22.18 15.01
C GLU B 421 -3.21 -20.99 14.60
N TYR B 422 -2.87 -20.91 13.30
CA TYR B 422 -2.01 -19.82 12.83
C TYR B 422 -2.70 -18.45 12.97
N VAL B 423 -3.96 -18.36 12.60
CA VAL B 423 -4.70 -17.10 12.73
C VAL B 423 -4.78 -16.69 14.21
N VAL B 424 -5.14 -17.63 15.07
CA VAL B 424 -5.29 -17.32 16.50
C VAL B 424 -3.96 -16.86 17.12
N LYS B 425 -2.87 -17.60 16.86
CA LYS B 425 -1.59 -17.22 17.48
C LYS B 425 -1.12 -15.86 16.95
N THR B 426 -1.42 -15.56 15.68
CA THR B 426 -1.06 -14.26 15.10
C THR B 426 -1.90 -13.14 15.70
N CYS B 427 -3.16 -13.43 15.98
CA CYS B 427 -3.97 -12.47 16.75
C CYS B 427 -3.38 -12.20 18.15
N VAL B 428 -3.07 -13.27 18.87
CA VAL B 428 -2.51 -13.16 20.21
C VAL B 428 -1.22 -12.30 20.17
N LYS B 429 -0.32 -12.61 19.22
CA LYS B 429 0.94 -11.86 19.09
C LYS B 429 0.72 -10.35 18.94
N ASN B 430 -0.32 -10.03 18.17
CA ASN B 430 -0.68 -8.64 17.89
C ASN B 430 -1.71 -7.98 18.81
N LYS B 431 -2.08 -8.70 19.84
CA LYS B 431 -3.00 -8.24 20.92
C LYS B 431 -4.45 -8.07 20.44
N LEU B 432 -4.80 -8.77 19.36
CA LEU B 432 -6.14 -8.76 18.81
C LEU B 432 -6.98 -9.88 19.47
N VAL B 433 -8.27 -9.63 19.59
CA VAL B 433 -9.22 -10.59 20.19
C VAL B 433 -9.94 -11.40 19.10
N PRO B 434 -9.66 -12.71 18.95
CA PRO B 434 -10.25 -13.49 17.85
C PRO B 434 -11.53 -14.21 18.25
N LEU B 435 -12.61 -13.98 17.48
CA LEU B 435 -13.90 -14.65 17.69
C LEU B 435 -14.25 -15.54 16.51
N TYR B 436 -14.31 -16.83 16.78
CA TYR B 436 -14.52 -17.86 15.77
C TYR B 436 -15.95 -17.83 15.23
N TRP B 437 -16.10 -18.01 13.93
CA TRP B 437 -17.40 -18.07 13.28
C TRP B 437 -17.99 -19.47 13.36
N ASP B 438 -18.89 -19.64 14.32
CA ASP B 438 -19.70 -20.85 14.47
C ASP B 438 -21.14 -20.54 14.06
N ALA B 439 -21.60 -21.17 12.98
CA ALA B 439 -22.95 -20.93 12.48
C ALA B 439 -23.85 -22.16 12.72
N GLY B 440 -23.39 -23.09 13.55
CA GLY B 440 -24.16 -24.29 13.85
C GLY B 440 -24.23 -25.31 12.73
N TYR B 441 -23.43 -25.13 11.68
CA TYR B 441 -23.37 -26.05 10.55
C TYR B 441 -22.05 -26.85 10.64
N THR B 442 -21.46 -27.22 9.52
CA THR B 442 -20.35 -28.19 9.57
C THR B 442 -19.10 -27.64 10.26
N GLU B 443 -18.98 -26.31 10.28
CA GLU B 443 -17.85 -25.60 10.90
C GLU B 443 -18.03 -25.41 12.42
N LYS B 444 -19.14 -25.87 12.97
CA LYS B 444 -19.45 -25.60 14.35
C LYS B 444 -18.49 -26.28 15.33
N LEU B 445 -18.31 -25.65 16.48
CA LEU B 445 -17.47 -26.16 17.54
C LEU B 445 -18.21 -27.04 18.55
N PHE B 446 -19.49 -26.74 18.74
CA PHE B 446 -20.35 -27.36 19.76
C PHE B 446 -21.65 -27.89 19.18
N ASP B 447 -22.23 -28.88 19.85
CA ASP B 447 -23.65 -29.18 19.63
C ASP B 447 -24.45 -28.06 20.29
N ARG B 448 -25.30 -27.38 19.51
CA ARG B 448 -26.03 -26.23 20.05
C ARG B 448 -27.00 -26.57 21.15
N THR B 449 -27.62 -27.74 21.06
CA THR B 449 -28.64 -28.15 22.06
C THR B 449 -28.05 -28.57 23.39
N THR B 450 -26.97 -29.34 23.37
CA THR B 450 -26.37 -29.87 24.61
C THR B 450 -25.17 -29.07 25.12
N GLY B 451 -24.57 -28.25 24.26
CA GLY B 451 -23.36 -27.54 24.62
C GLY B 451 -22.10 -28.37 24.67
N GLN B 452 -22.20 -29.64 24.29
CA GLN B 452 -21.04 -30.54 24.23
C GLN B 452 -20.13 -30.24 23.03
N PRO B 453 -18.81 -30.41 23.19
CA PRO B 453 -17.96 -30.24 22.02
C PRO B 453 -18.37 -31.16 20.86
N HIS B 454 -18.33 -30.58 19.66
CA HIS B 454 -18.60 -31.26 18.41
C HIS B 454 -17.30 -31.53 17.65
N ASN B 455 -16.44 -30.52 17.61
CA ASN B 455 -15.17 -30.63 16.88
C ASN B 455 -14.01 -30.37 17.84
N ALA B 456 -13.64 -31.42 18.57
CA ALA B 456 -12.58 -31.30 19.59
C ALA B 456 -11.26 -30.83 18.99
N ALA B 457 -10.91 -31.32 17.80
CA ALA B 457 -9.63 -30.94 17.17
C ALA B 457 -9.58 -29.45 16.79
N SER B 458 -10.69 -28.89 16.35
CA SER B 458 -10.70 -27.45 16.02
C SER B 458 -10.70 -26.57 17.28
N ILE B 459 -11.45 -26.97 18.30
CA ILE B 459 -11.34 -26.30 19.61
C ILE B 459 -9.88 -26.35 20.08
N ALA B 460 -9.25 -27.51 19.95
CA ALA B 460 -7.86 -27.67 20.43
C ALA B 460 -6.88 -26.77 19.67
N ALA B 461 -7.13 -26.61 18.37
CA ALA B 461 -6.33 -25.75 17.52
C ALA B 461 -6.40 -24.29 18.01
N ILE B 462 -7.59 -23.84 18.40
CA ILE B 462 -7.76 -22.51 18.92
C ILE B 462 -7.02 -22.37 20.24
N MET B 463 -7.21 -23.33 21.13
CA MET B 463 -6.55 -23.28 22.45
C MET B 463 -5.03 -23.34 22.33
N LYS B 464 -4.53 -24.11 21.37
CA LYS B 464 -3.07 -24.17 21.13
C LYS B 464 -2.54 -22.82 20.66
N GLY B 465 -3.30 -22.18 19.77
CA GLY B 465 -2.95 -20.85 19.32
C GLY B 465 -2.96 -19.80 20.42
N LEU B 466 -3.84 -19.99 21.38
CA LEU B 466 -3.99 -19.04 22.49
C LEU B 466 -2.87 -19.19 23.48
N ASN B 467 -2.30 -20.39 23.48
CA ASN B 467 -1.07 -20.71 24.18
C ASN B 467 -1.14 -20.28 25.61
N LEU B 468 -2.37 -20.25 26.05
CA LEU B 468 -2.71 -20.68 27.34
C LEU B 468 -3.78 -21.67 26.94
#